data_1RLR
#
_entry.id   1RLR
#
_cell.length_a   226.000
_cell.length_b   226.000
_cell.length_c   341.000
_cell.angle_alpha   90.00
_cell.angle_beta   90.00
_cell.angle_gamma   120.00
#
_symmetry.space_group_name_H-M   'H 3 2'
#
_entity_poly.entity_id   1
_entity_poly.type   'polypeptide(L)'
_entity_poly.pdbx_seq_one_letter_code
;MNQNLLVTKRDGSTERINLDKIHRVLDWAAEGLHNVSISQVELRSHIQFYDGIKTSDIHETIIKAAADLISRDAPDYQYL
AARLAIFHLRKKAYGQFEPPALYDHVVKMVEMGKYDNHLLEDYTEEEFKQMDTFIDHDRDMTFSYAAVKQLEGKYLVQNR
VTGEIYESAQFLYILVAACLFSNYPRETRLQYVKRFYDAVSTFKISLPTPIMSGVRTPTRQFSSCVLIECGDSLDSINAT
SSAIVKYVSQRAGIGINAGRIRALGSPIRGGEAFHTGCIPFYKHFQTAVKSCSQGGVRGGAATLFYPMWHLEVESLLVLK
NNRGVEGNRVRHMDYGVQINKLMYTRLLKGEDITLFSPSDVPGLYDAFFADQEEFERLYTKYEKDDSIRKQRVKAVELFS
LMMQERASTGRIYIQNVDHCNTHSPFDPAIAPVRQSNLCLEIALPTKPLNDVNDENGEIALCTLSAFNLGAINNLDELDE
LAILAVRALDALLDYQDYPIPAAKRGAMGRRTLGIGVINFAYYLAKHGKRYSDGSANNLTHKTFEAIQYYLLKASNELAK
EQGACPWFNETTYAKGILPIDTYKKDLDTIANEPLHYDWEALRESIKTHGLRNSTLSALMPSETSSQISNATNGIEPPRG
YVSIKASKDGILRQVVPDYEHLHDAYELLWEMPGNDGYLQLVGIMQKFIDQSISANTNYDPSRFPSGKVPMQQLLKDLLT
AYKFGVKTLYYQNTRDDIDDLSNFQLPSIQDDGCESGACKI
;
_entity_poly.pdbx_strand_id   A
#
# COMPACT_ATOMS: atom_id res chain seq x y z
N ARG A 10 29.09 3.89 28.91
CA ARG A 10 30.08 4.69 29.64
C ARG A 10 31.49 3.99 29.64
N ASP A 11 32.41 4.41 30.59
CA ASP A 11 33.85 3.92 30.59
C ASP A 11 34.47 3.46 32.02
N GLY A 12 34.48 4.37 33.09
CA GLY A 12 35.04 4.18 34.59
C GLY A 12 33.89 4.67 35.49
N SER A 13 33.45 5.48 36.44
CA SER A 13 32.22 4.56 36.34
C SER A 13 30.66 4.71 36.09
N THR A 14 30.36 3.90 34.92
CA THR A 14 29.12 3.24 34.51
C THR A 14 28.82 2.59 35.80
N GLU A 15 29.40 2.81 36.94
CA GLU A 15 28.60 2.05 37.82
C GLU A 15 27.45 2.94 37.82
N ARG A 16 27.31 3.79 36.81
CA ARG A 16 26.27 4.47 37.32
C ARG A 16 25.04 5.25 36.72
N ILE A 17 24.85 6.65 37.04
CA ILE A 17 23.43 7.52 37.16
C ILE A 17 22.66 7.01 38.55
N ASN A 18 23.19 7.31 39.90
CA ASN A 18 22.50 6.81 41.27
C ASN A 18 20.97 7.25 41.27
N LEU A 19 20.15 6.29 41.72
CA LEU A 19 18.61 6.17 41.61
C LEU A 19 17.60 7.41 41.76
N ASP A 20 17.81 8.47 42.54
CA ASP A 20 16.78 9.59 42.60
C ASP A 20 16.54 10.17 41.20
N LYS A 21 17.63 10.23 40.46
CA LYS A 21 17.62 10.74 39.09
C LYS A 21 16.68 9.88 38.21
N ILE A 22 16.74 8.56 38.44
CA ILE A 22 15.86 7.60 37.71
C ILE A 22 14.43 7.97 38.00
N HIS A 23 14.10 8.15 39.27
CA HIS A 23 12.72 8.49 39.62
C HIS A 23 12.25 9.82 39.00
N ARG A 24 13.12 10.80 38.85
CA ARG A 24 12.79 12.09 38.28
C ARG A 24 12.58 11.92 36.79
N VAL A 25 13.42 11.20 36.07
CA VAL A 25 13.14 10.91 34.68
C VAL A 25 11.81 10.13 34.60
N LEU A 26 11.49 9.27 35.55
CA LEU A 26 10.19 8.54 35.49
C LEU A 26 9.03 9.45 35.85
N ASP A 27 9.17 10.36 36.78
CA ASP A 27 8.23 11.44 37.03
C ASP A 27 7.91 12.31 35.79
N TRP A 28 8.91 12.81 35.03
CA TRP A 28 8.79 13.58 33.80
C TRP A 28 8.02 12.79 32.75
N ALA A 29 8.41 11.54 32.48
CA ALA A 29 7.78 10.74 31.41
C ALA A 29 6.33 10.50 31.78
N ALA A 30 5.98 10.45 33.06
CA ALA A 30 4.64 10.13 33.45
C ALA A 30 3.69 11.29 33.45
N GLU A 31 4.15 12.52 33.25
CA GLU A 31 3.21 13.64 33.20
C GLU A 31 2.08 13.57 32.17
N GLY A 32 0.90 13.73 32.72
CA GLY A 32 -0.28 13.85 31.89
C GLY A 32 -0.88 12.51 31.66
N LEU A 33 -0.17 11.45 31.99
CA LEU A 33 -0.66 10.09 31.86
C LEU A 33 -1.57 9.70 32.99
N HIS A 34 -2.36 8.68 32.75
CA HIS A 34 -3.34 8.24 33.71
C HIS A 34 -3.15 6.78 33.83
N ASN A 35 -3.45 6.29 35.01
CA ASN A 35 -3.35 4.89 35.31
C ASN A 35 -1.99 4.24 35.29
N VAL A 36 -0.90 5.00 35.44
CA VAL A 36 0.43 4.47 35.38
C VAL A 36 1.11 4.49 36.68
N SER A 37 1.74 3.41 37.05
CA SER A 37 2.39 3.38 38.34
C SER A 37 3.88 3.53 38.25
N ILE A 38 4.49 4.64 38.61
CA ILE A 38 5.94 4.83 38.58
C ILE A 38 6.59 3.81 39.46
N SER A 39 6.05 3.47 40.61
CA SER A 39 6.74 2.49 41.39
C SER A 39 6.57 1.13 40.88
N GLN A 40 5.58 0.63 40.17
CA GLN A 40 5.76 -0.72 39.61
C GLN A 40 6.90 -0.79 38.63
N VAL A 41 7.01 0.18 37.76
CA VAL A 41 8.15 0.28 36.85
C VAL A 41 9.45 0.25 37.67
N GLU A 42 9.62 1.01 38.74
CA GLU A 42 10.80 0.95 39.60
C GLU A 42 11.09 -0.36 40.29
N LEU A 43 10.09 -1.01 40.88
CA LEU A 43 10.31 -2.29 41.55
C LEU A 43 10.87 -3.35 40.62
N ARG A 44 10.21 -3.52 39.45
CA ARG A 44 10.60 -4.46 38.38
C ARG A 44 11.95 -4.24 37.68
N SER A 45 12.28 -2.99 37.50
CA SER A 45 13.51 -2.70 36.86
C SER A 45 14.60 -2.59 37.88
N HIS A 46 14.35 -2.20 39.13
CA HIS A 46 15.44 -2.22 40.08
C HIS A 46 15.92 -3.58 40.50
N ILE A 47 15.23 -4.73 40.78
CA ILE A 47 15.95 -6.00 41.09
C ILE A 47 16.79 -6.53 39.95
N GLN A 48 16.67 -5.92 38.79
CA GLN A 48 17.50 -6.26 37.65
C GLN A 48 18.86 -5.54 37.56
N PHE A 49 19.17 -4.60 38.43
CA PHE A 49 20.41 -3.86 38.39
C PHE A 49 21.46 -4.55 39.17
N TYR A 50 22.69 -4.28 38.83
CA TYR A 50 23.82 -4.90 39.50
C TYR A 50 25.01 -3.97 39.50
N ASP A 51 25.97 -4.10 40.43
CA ASP A 51 27.20 -3.30 40.52
C ASP A 51 27.79 -2.80 39.20
N GLY A 52 28.20 -3.75 38.36
CA GLY A 52 28.80 -3.33 37.09
C GLY A 52 27.95 -2.66 35.97
N ILE A 53 26.62 -2.40 36.12
CA ILE A 53 25.71 -2.09 34.99
C ILE A 53 25.85 -0.81 34.16
N LYS A 54 25.79 -1.01 32.87
CA LYS A 54 25.89 0.07 31.92
C LYS A 54 24.77 1.08 32.09
N THR A 55 24.99 2.38 32.13
CA THR A 55 23.89 3.40 32.11
C THR A 55 22.95 3.17 30.92
N SER A 56 23.46 2.69 29.80
CA SER A 56 22.64 2.35 28.67
C SER A 56 21.71 1.18 28.94
N ASP A 57 22.16 0.25 29.76
CA ASP A 57 21.30 -0.85 30.11
C ASP A 57 20.41 -0.44 31.26
N ILE A 58 20.76 0.48 32.16
CA ILE A 58 19.78 1.03 33.09
C ILE A 58 18.58 1.55 32.31
N HIS A 59 18.86 2.28 31.25
CA HIS A 59 17.85 2.77 30.31
C HIS A 59 17.00 1.73 29.64
N GLU A 60 17.57 0.70 29.02
CA GLU A 60 16.78 -0.38 28.45
C GLU A 60 15.83 -1.04 29.44
N THR A 61 16.27 -1.29 30.66
CA THR A 61 15.49 -1.92 31.73
C THR A 61 14.28 -1.10 32.15
N ILE A 62 14.37 0.24 32.41
CA ILE A 62 13.16 1.01 32.70
C ILE A 62 12.25 1.01 31.47
N ILE A 63 12.73 1.08 30.22
CA ILE A 63 11.84 1.12 29.03
C ILE A 63 11.04 -0.17 28.88
N LYS A 64 11.72 -1.30 28.94
CA LYS A 64 11.05 -2.58 28.79
C LYS A 64 10.18 -2.84 30.01
N ALA A 65 10.59 -2.40 31.21
CA ALA A 65 9.77 -2.51 32.38
C ALA A 65 8.52 -1.70 32.13
N ALA A 66 8.55 -0.55 31.48
CA ALA A 66 7.32 0.16 31.21
C ALA A 66 6.59 -0.44 30.02
N ALA A 67 7.26 -0.99 29.01
CA ALA A 67 6.55 -1.59 27.87
C ALA A 67 5.86 -2.91 28.21
N ASP A 68 6.26 -3.57 29.28
CA ASP A 68 5.59 -4.81 29.69
C ASP A 68 4.26 -4.63 30.38
N LEU A 69 4.06 -3.46 30.92
CA LEU A 69 2.79 -3.13 31.59
C LEU A 69 1.72 -2.53 30.64
N ILE A 70 1.92 -2.61 29.30
CA ILE A 70 0.99 -2.06 28.30
C ILE A 70 -0.07 -3.08 28.20
N SER A 71 -1.24 -2.55 28.37
CA SER A 71 -2.45 -3.37 28.45
C SER A 71 -3.62 -2.50 28.08
N ARG A 72 -4.72 -3.07 27.61
CA ARG A 72 -5.88 -2.27 27.29
C ARG A 72 -6.40 -1.78 28.68
N ASP A 73 -6.20 -2.57 29.79
CA ASP A 73 -6.75 -2.07 31.09
C ASP A 73 -6.01 -0.78 31.47
N ALA A 74 -4.77 -0.65 30.99
CA ALA A 74 -4.00 0.59 31.24
C ALA A 74 -3.01 0.90 30.09
N PRO A 75 -3.52 1.43 28.92
CA PRO A 75 -2.73 1.82 27.73
C PRO A 75 -1.85 3.06 27.83
N ASP A 76 -1.92 3.84 28.88
CA ASP A 76 -1.09 5.05 28.88
C ASP A 76 0.40 4.70 28.99
N TYR A 77 0.67 3.49 29.44
CA TYR A 77 2.05 3.00 29.56
C TYR A 77 2.72 3.00 28.17
N GLN A 78 1.91 2.99 27.09
CA GLN A 78 2.38 3.14 25.69
C GLN A 78 3.14 4.45 25.51
N TYR A 79 2.71 5.49 26.26
CA TYR A 79 3.35 6.81 26.24
C TYR A 79 4.45 6.86 27.26
N LEU A 80 4.32 6.29 28.46
CA LEU A 80 5.46 6.22 29.38
C LEU A 80 6.63 5.46 28.75
N ALA A 81 6.52 4.23 28.20
CA ALA A 81 7.62 3.52 27.59
C ALA A 81 8.18 4.29 26.41
N ALA A 82 7.33 4.94 25.67
CA ALA A 82 7.73 5.80 24.55
C ALA A 82 8.58 7.01 24.93
N ARG A 83 8.11 7.87 25.84
CA ARG A 83 8.83 9.01 26.35
C ARG A 83 10.18 8.62 26.90
N LEU A 84 10.28 7.53 27.63
CA LEU A 84 11.58 7.03 28.05
C LEU A 84 12.43 6.64 26.83
N ALA A 85 11.97 5.85 25.87
CA ALA A 85 12.70 5.53 24.66
C ALA A 85 13.21 6.77 23.95
N ILE A 86 12.34 7.78 23.73
CA ILE A 86 12.78 9.05 23.15
C ILE A 86 13.98 9.67 23.88
N PHE A 87 13.89 9.80 25.20
CA PHE A 87 14.97 10.26 26.07
C PHE A 87 16.29 9.56 25.93
N HIS A 88 16.31 8.24 25.93
CA HIS A 88 17.52 7.47 25.67
C HIS A 88 18.02 7.71 24.23
N LEU A 89 17.21 7.60 23.18
CA LEU A 89 17.63 7.88 21.82
C LEU A 89 18.22 9.28 21.72
N ARG A 90 17.69 10.29 22.38
CA ARG A 90 18.35 11.59 22.39
C ARG A 90 19.70 11.57 23.09
N LYS A 91 19.98 10.93 24.23
CA LYS A 91 21.32 10.90 24.79
C LYS A 91 22.17 10.12 23.84
N LYS A 92 21.62 9.12 23.15
CA LYS A 92 22.37 8.22 22.28
C LYS A 92 22.76 8.86 21.01
N ALA A 93 22.03 9.83 20.52
CA ALA A 93 22.44 10.57 19.34
C ALA A 93 23.06 11.94 19.61
N TYR A 94 22.70 12.62 20.68
CA TYR A 94 23.18 13.95 20.92
C TYR A 94 24.05 14.04 22.11
N GLY A 95 24.24 13.01 22.89
CA GLY A 95 24.99 13.20 24.13
C GLY A 95 24.22 13.95 25.23
N GLN A 96 23.10 14.64 24.96
CA GLN A 96 22.25 15.30 25.98
C GLN A 96 20.79 15.16 25.59
N PHE A 97 19.79 15.53 26.39
CA PHE A 97 18.42 15.44 25.88
C PHE A 97 18.12 16.49 24.82
N GLU A 98 18.73 17.67 24.93
CA GLU A 98 18.41 18.78 24.01
C GLU A 98 19.03 18.66 22.61
N PRO A 99 18.24 18.74 21.54
CA PRO A 99 18.74 18.66 20.17
C PRO A 99 19.66 19.78 19.76
N PRO A 100 20.69 19.55 18.96
CA PRO A 100 21.51 20.60 18.38
C PRO A 100 20.74 21.55 17.48
N ALA A 101 21.31 22.67 17.02
CA ALA A 101 20.58 23.49 16.06
C ALA A 101 20.56 22.76 14.72
N LEU A 102 19.52 22.94 13.91
CA LEU A 102 19.43 22.29 12.61
C LEU A 102 20.71 22.46 11.82
N TYR A 103 21.22 23.69 11.66
CA TYR A 103 22.40 24.01 10.80
C TYR A 103 23.64 23.22 11.24
N ASP A 104 23.87 23.25 12.55
CA ASP A 104 24.97 22.56 13.18
C ASP A 104 24.81 21.08 13.04
N HIS A 105 23.62 20.49 13.09
CA HIS A 105 23.44 19.06 12.91
C HIS A 105 23.61 18.74 11.44
N VAL A 106 23.01 19.45 10.47
CA VAL A 106 23.12 19.16 9.04
C VAL A 106 24.59 19.22 8.59
N VAL A 107 25.42 20.24 8.94
CA VAL A 107 26.85 20.37 8.58
C VAL A 107 27.62 19.14 9.04
N LYS A 108 27.37 18.80 10.30
CA LYS A 108 27.94 17.61 10.93
C LYS A 108 27.57 16.35 10.16
N MET A 109 26.30 16.19 9.79
CA MET A 109 25.86 14.99 9.12
C MET A 109 26.28 14.93 7.68
N VAL A 110 26.36 16.11 7.00
CA VAL A 110 26.77 16.25 5.58
C VAL A 110 28.23 15.91 5.51
N GLU A 111 29.08 16.51 6.34
CA GLU A 111 30.43 15.99 6.33
C GLU A 111 30.57 14.60 6.88
N MET A 112 29.69 13.91 7.61
CA MET A 112 29.93 12.50 7.93
C MET A 112 29.48 11.52 6.87
N GLY A 113 28.91 11.99 5.76
CA GLY A 113 28.44 11.09 4.70
C GLY A 113 27.03 10.52 4.82
N LYS A 114 26.30 11.00 5.83
CA LYS A 114 24.99 10.52 6.23
C LYS A 114 23.84 11.36 5.67
N TYR A 115 24.05 12.67 5.55
CA TYR A 115 23.11 13.49 4.77
C TYR A 115 23.60 13.88 3.38
N ASP A 116 22.72 14.15 2.42
CA ASP A 116 23.12 14.43 1.04
C ASP A 116 23.69 15.82 0.98
N ASN A 117 24.85 16.07 0.38
CA ASN A 117 25.50 17.39 0.40
C ASN A 117 24.71 18.53 -0.23
N HIS A 118 23.73 18.18 -1.06
CA HIS A 118 22.86 19.23 -1.58
C HIS A 118 22.03 19.97 -0.57
N LEU A 119 21.70 19.45 0.61
CA LEU A 119 20.95 20.26 1.59
C LEU A 119 21.71 21.56 1.90
N LEU A 120 23.04 21.47 1.92
CA LEU A 120 23.87 22.65 2.17
C LEU A 120 24.11 23.65 1.02
N GLU A 121 23.84 23.16 -0.20
CA GLU A 121 23.78 23.94 -1.43
C GLU A 121 22.47 24.66 -1.64
N ASP A 122 21.34 23.97 -1.47
CA ASP A 122 20.03 24.59 -1.69
C ASP A 122 19.53 25.50 -0.60
N TYR A 123 19.96 25.36 0.66
CA TYR A 123 19.55 26.32 1.68
C TYR A 123 20.77 27.03 2.31
N THR A 124 20.63 28.34 2.53
CA THR A 124 21.63 29.17 3.19
C THR A 124 21.63 28.95 4.71
N GLU A 125 22.69 29.13 5.46
CA GLU A 125 22.68 29.07 6.92
C GLU A 125 21.52 29.75 7.59
N GLU A 126 21.11 30.91 7.06
CA GLU A 126 19.97 31.58 7.65
C GLU A 126 18.62 31.03 7.14
N GLU A 127 18.52 30.28 6.03
CA GLU A 127 17.29 29.53 5.85
C GLU A 127 17.28 28.34 6.85
N PHE A 128 18.40 27.75 7.33
CA PHE A 128 18.39 26.71 8.36
C PHE A 128 18.07 27.19 9.76
N LYS A 129 18.62 28.34 10.20
CA LYS A 129 18.27 29.00 11.48
C LYS A 129 16.79 29.28 11.73
N GLN A 130 16.16 29.58 10.62
CA GLN A 130 14.70 29.76 10.46
C GLN A 130 13.81 28.50 10.47
N MET A 131 14.21 27.46 9.75
CA MET A 131 13.56 26.18 9.80
C MET A 131 13.64 25.65 11.20
N ASP A 132 14.73 25.95 11.91
CA ASP A 132 14.80 25.51 13.31
C ASP A 132 13.68 26.09 14.17
N THR A 133 13.47 27.38 13.96
CA THR A 133 12.33 28.17 14.42
C THR A 133 10.97 27.50 14.23
N PHE A 134 10.85 26.60 13.25
CA PHE A 134 9.66 25.78 12.95
C PHE A 134 9.54 24.46 13.74
N ILE A 135 10.63 23.79 14.09
CA ILE A 135 10.66 22.49 14.72
C ILE A 135 10.12 22.56 16.11
N ASP A 136 9.31 21.63 16.52
CA ASP A 136 9.01 21.60 17.89
C ASP A 136 9.45 20.26 18.37
N HIS A 137 10.67 20.16 18.86
CA HIS A 137 11.18 18.91 19.44
C HIS A 137 10.31 18.22 20.49
N ASP A 138 9.44 18.96 21.18
CA ASP A 138 8.50 18.31 22.07
C ASP A 138 7.44 17.47 21.44
N ARG A 139 7.28 17.62 20.13
CA ARG A 139 6.32 16.74 19.45
C ARG A 139 6.86 15.31 19.48
N ASP A 140 8.09 15.08 19.86
CA ASP A 140 8.52 13.70 20.00
C ASP A 140 7.88 13.00 21.12
N MET A 141 7.27 13.77 21.98
CA MET A 141 6.57 13.26 23.15
C MET A 141 5.12 12.78 22.84
N THR A 142 4.68 12.74 21.56
CA THR A 142 3.33 12.25 21.20
C THR A 142 3.28 10.88 20.51
N PHE A 143 4.48 10.30 20.40
CA PHE A 143 4.69 8.98 19.80
C PHE A 143 4.34 7.88 20.75
N SER A 144 3.79 6.77 20.37
CA SER A 144 3.53 5.71 21.31
C SER A 144 4.69 4.74 21.23
N TYR A 145 4.89 3.78 22.15
CA TYR A 145 6.05 2.89 22.08
C TYR A 145 6.31 2.14 20.79
N ALA A 146 5.40 1.37 20.23
CA ALA A 146 5.55 0.78 18.91
C ALA A 146 5.93 1.82 17.90
N ALA A 147 5.49 3.06 17.98
CA ALA A 147 5.96 4.08 17.06
C ALA A 147 7.43 4.37 17.18
N VAL A 148 7.95 4.61 18.41
CA VAL A 148 9.41 4.82 18.63
C VAL A 148 10.25 3.58 18.20
N LYS A 149 9.81 2.32 18.39
CA LYS A 149 10.64 1.20 17.93
C LYS A 149 10.66 1.11 16.45
N GLN A 150 9.62 1.40 15.68
CA GLN A 150 9.72 1.46 14.23
C GLN A 150 10.55 2.68 13.78
N LEU A 151 10.48 3.88 14.37
CA LEU A 151 11.43 4.90 13.96
C LEU A 151 12.85 4.43 14.18
N GLU A 152 13.16 3.86 15.31
CA GLU A 152 14.50 3.43 15.67
C GLU A 152 14.98 2.24 14.90
N GLY A 153 14.23 1.18 14.71
CA GLY A 153 14.69 0.07 13.93
C GLY A 153 14.54 0.32 12.45
N LYS A 154 13.80 1.26 11.87
CA LYS A 154 13.67 1.36 10.42
C LYS A 154 13.77 2.75 9.76
N TYR A 155 13.68 3.77 10.53
CA TYR A 155 13.51 5.12 10.02
C TYR A 155 14.68 6.10 10.25
N LEU A 156 15.08 6.21 11.50
CA LEU A 156 16.13 7.15 11.90
C LEU A 156 17.45 6.82 11.25
N VAL A 157 18.32 7.75 10.86
CA VAL A 157 19.62 7.47 10.22
C VAL A 157 20.57 6.89 11.25
N GLN A 158 21.24 5.79 10.85
CA GLN A 158 22.11 5.09 11.80
C GLN A 158 23.15 4.12 11.21
N ASN A 159 23.58 3.40 12.24
CA ASN A 159 24.52 2.27 12.43
C ASN A 159 25.73 2.05 11.48
N ARG A 160 26.69 3.00 11.60
CA ARG A 160 28.07 2.83 11.04
C ARG A 160 28.82 1.98 12.08
N VAL A 161 29.43 2.64 13.15
CA VAL A 161 29.92 1.83 14.31
C VAL A 161 28.62 1.17 14.74
N THR A 162 28.28 0.26 13.88
CA THR A 162 27.03 -0.48 13.88
C THR A 162 26.36 -0.48 15.26
N GLY A 163 25.21 0.20 15.23
CA GLY A 163 24.34 0.37 16.38
C GLY A 163 24.04 1.87 16.66
N GLU A 164 24.90 2.77 16.21
CA GLU A 164 24.75 4.22 16.51
C GLU A 164 23.58 4.89 15.83
N ILE A 165 22.76 5.67 16.53
CA ILE A 165 21.65 6.43 15.98
C ILE A 165 22.10 7.90 15.78
N TYR A 166 21.97 8.52 14.59
CA TYR A 166 22.47 9.88 14.36
C TYR A 166 21.50 11.09 14.42
N GLU A 167 20.21 10.81 14.44
CA GLU A 167 19.27 11.86 14.43
C GLU A 167 18.07 11.50 15.21
N SER A 168 17.16 12.49 15.29
CA SER A 168 15.93 12.29 15.98
C SER A 168 14.75 12.60 15.13
N ALA A 169 13.53 12.13 15.47
CA ALA A 169 12.37 12.29 14.59
C ALA A 169 12.06 13.66 14.06
N GLN A 170 12.24 14.74 14.79
CA GLN A 170 11.90 16.02 14.18
C GLN A 170 12.94 16.42 13.17
N PHE A 171 14.24 16.10 13.22
CA PHE A 171 15.14 16.38 12.08
C PHE A 171 14.80 15.50 10.87
N LEU A 172 14.37 14.22 11.00
CA LEU A 172 13.85 13.40 9.90
C LEU A 172 12.75 14.19 9.18
N TYR A 173 11.71 14.64 9.92
CA TYR A 173 10.58 15.36 9.33
C TYR A 173 10.85 16.72 8.77
N ILE A 174 11.67 17.60 9.32
CA ILE A 174 11.90 18.90 8.68
C ILE A 174 12.78 18.69 7.47
N LEU A 175 13.65 17.67 7.53
CA LEU A 175 14.60 17.47 6.44
C LEU A 175 13.98 16.73 5.33
N VAL A 176 12.95 15.91 5.47
CA VAL A 176 12.36 15.38 4.23
C VAL A 176 11.50 16.46 3.57
N ALA A 177 10.79 17.33 4.34
CA ALA A 177 10.08 18.51 3.75
C ALA A 177 11.07 19.43 3.05
N ALA A 178 12.14 19.92 3.64
CA ALA A 178 13.19 20.68 2.92
C ALA A 178 13.66 19.90 1.71
N CYS A 179 14.08 18.64 1.60
CA CYS A 179 14.45 18.05 0.29
C CYS A 179 13.28 17.99 -0.68
N LEU A 180 12.02 17.65 -0.44
CA LEU A 180 10.95 17.66 -1.45
C LEU A 180 10.53 19.03 -2.00
N PHE A 181 10.68 20.08 -1.21
CA PHE A 181 10.33 21.41 -1.65
C PHE A 181 11.54 22.28 -1.98
N SER A 182 12.75 21.69 -2.05
CA SER A 182 13.98 22.39 -2.45
C SER A 182 14.00 23.12 -3.79
N ASN A 183 13.38 22.65 -4.87
CA ASN A 183 13.36 23.39 -6.13
C ASN A 183 12.23 24.41 -6.31
N TYR A 184 11.73 24.87 -5.18
CA TYR A 184 10.68 25.86 -5.10
C TYR A 184 11.21 27.30 -5.08
N PRO A 185 10.55 28.25 -5.72
CA PRO A 185 10.62 29.66 -5.46
C PRO A 185 11.01 30.17 -4.08
N ARG A 186 11.92 31.12 -3.83
CA ARG A 186 12.24 31.61 -2.47
C ARG A 186 11.11 32.30 -1.74
N GLU A 187 10.32 32.93 -2.56
CA GLU A 187 9.11 33.60 -2.22
C GLU A 187 8.12 32.68 -1.45
N THR A 188 7.93 31.43 -1.87
CA THR A 188 7.08 30.45 -1.19
C THR A 188 7.76 29.24 -0.56
N ARG A 189 8.95 28.82 -0.95
CA ARG A 189 9.61 27.60 -0.50
C ARG A 189 9.45 27.20 0.96
N LEU A 190 9.94 28.05 1.85
CA LEU A 190 9.87 27.87 3.32
C LEU A 190 8.49 27.97 3.98
N GLN A 191 7.48 28.47 3.27
CA GLN A 191 6.08 28.43 3.71
C GLN A 191 5.65 26.99 3.51
N TYR A 192 5.93 26.37 2.35
CA TYR A 192 5.62 24.96 2.08
C TYR A 192 6.40 24.01 2.97
N VAL A 193 7.69 24.28 3.28
CA VAL A 193 8.46 23.48 4.22
C VAL A 193 7.82 23.53 5.60
N LYS A 194 7.53 24.69 6.23
CA LYS A 194 6.83 24.76 7.53
C LYS A 194 5.51 24.04 7.49
N ARG A 195 4.61 24.33 6.59
CA ARG A 195 3.36 23.61 6.41
C ARG A 195 3.42 22.09 6.17
N PHE A 196 4.34 21.55 5.34
CA PHE A 196 4.46 20.12 5.15
C PHE A 196 5.07 19.56 6.44
N TYR A 197 6.07 20.15 7.10
CA TYR A 197 6.56 19.64 8.37
C TYR A 197 5.49 19.56 9.47
N ASP A 198 4.55 20.48 9.61
CA ASP A 198 3.58 20.30 10.67
C ASP A 198 2.59 19.31 10.17
N ALA A 199 2.20 19.16 8.91
CA ALA A 199 1.24 18.10 8.57
C ALA A 199 1.73 16.68 8.86
N VAL A 200 2.98 16.53 8.61
CA VAL A 200 3.64 15.23 8.81
C VAL A 200 4.01 15.06 10.29
N SER A 201 4.52 15.97 11.10
CA SER A 201 4.90 15.64 12.47
C SER A 201 3.75 15.61 13.46
N THR A 202 2.60 16.16 13.10
CA THR A 202 1.37 15.96 13.88
C THR A 202 0.50 14.87 13.23
N PHE A 203 1.01 14.11 12.24
CA PHE A 203 0.47 12.83 11.75
C PHE A 203 -0.75 12.86 10.89
N LYS A 204 -1.01 14.02 10.30
CA LYS A 204 -2.11 14.22 9.35
C LYS A 204 -1.84 13.58 8.01
N ILE A 205 -0.60 13.59 7.54
CA ILE A 205 -0.22 12.99 6.28
C ILE A 205 0.82 11.97 6.66
N SER A 206 0.78 10.78 6.11
CA SER A 206 1.78 9.77 6.44
C SER A 206 2.45 9.25 5.18
N LEU A 207 3.76 9.12 5.18
CA LEU A 207 4.55 8.74 4.01
C LEU A 207 5.16 7.37 4.13
N PRO A 208 5.35 6.56 3.08
CA PRO A 208 5.96 5.27 3.20
C PRO A 208 7.41 5.22 3.65
N THR A 209 7.78 4.03 4.06
CA THR A 209 9.14 3.74 4.48
C THR A 209 10.27 4.12 3.54
N PRO A 210 10.21 4.04 2.21
CA PRO A 210 11.32 4.40 1.35
C PRO A 210 11.53 5.87 1.41
N ILE A 211 10.47 6.69 1.67
CA ILE A 211 10.65 8.14 1.75
C ILE A 211 11.11 8.56 3.13
N MET A 212 10.45 8.04 4.17
CA MET A 212 10.90 8.19 5.54
C MET A 212 12.30 7.77 5.90
N SER A 213 12.95 6.76 5.36
CA SER A 213 14.33 6.45 5.72
C SER A 213 15.36 6.95 4.76
N GLY A 214 14.93 7.26 3.57
CA GLY A 214 15.77 7.77 2.51
C GLY A 214 15.76 9.25 2.18
N VAL A 215 14.65 10.03 2.18
CA VAL A 215 14.75 11.44 1.75
C VAL A 215 15.44 12.32 2.77
N ARG A 216 16.64 12.78 2.41
CA ARG A 216 17.61 13.64 3.11
C ARG A 216 19.01 13.01 3.13
N THR A 217 19.08 11.72 2.78
CA THR A 217 20.31 10.92 2.78
C THR A 217 20.89 10.86 1.34
N PRO A 218 22.11 10.36 1.08
CA PRO A 218 22.73 10.47 -0.23
C PRO A 218 22.04 9.67 -1.34
N THR A 219 21.32 8.63 -1.02
CA THR A 219 20.58 7.88 -2.02
C THR A 219 19.52 8.66 -2.77
N ARG A 220 19.19 8.22 -3.97
CA ARG A 220 17.97 8.75 -4.56
C ARG A 220 17.08 7.62 -5.11
N GLN A 221 17.11 6.46 -4.47
CA GLN A 221 16.28 5.33 -4.89
C GLN A 221 15.11 5.28 -3.93
N PHE A 222 13.86 5.58 -4.24
CA PHE A 222 12.75 5.56 -3.24
C PHE A 222 11.46 4.82 -3.74
N SER A 223 11.57 4.10 -4.86
CA SER A 223 10.37 3.46 -5.45
C SER A 223 9.93 2.17 -4.76
N SER A 224 8.70 2.20 -4.26
CA SER A 224 8.11 1.11 -3.47
C SER A 224 7.63 -0.12 -4.25
N CYS A 225 7.16 0.18 -5.45
CA CYS A 225 6.73 -0.86 -6.35
C CYS A 225 6.65 -0.54 -7.80
N VAL A 226 6.79 -1.60 -8.57
CA VAL A 226 7.01 -1.62 -9.98
C VAL A 226 5.96 -2.47 -10.68
N LEU A 227 5.39 -2.08 -11.80
CA LEU A 227 4.48 -2.96 -12.51
C LEU A 227 5.14 -3.26 -13.84
N ILE A 228 5.60 -4.50 -14.11
CA ILE A 228 6.27 -4.82 -15.38
C ILE A 228 5.46 -5.79 -16.23
N GLU A 229 5.29 -5.45 -17.51
CA GLU A 229 4.45 -6.25 -18.39
C GLU A 229 5.30 -7.05 -19.34
N CYS A 230 5.19 -8.36 -19.36
CA CYS A 230 6.01 -9.16 -20.27
C CYS A 230 5.37 -9.54 -21.59
N GLY A 231 6.13 -9.50 -22.68
CA GLY A 231 5.59 -9.82 -24.00
C GLY A 231 5.77 -11.26 -24.42
N ASP A 232 5.20 -11.74 -25.51
CA ASP A 232 5.43 -13.16 -25.82
C ASP A 232 6.73 -13.40 -26.53
N SER A 233 7.86 -13.15 -25.94
CA SER A 233 9.08 -13.24 -26.72
C SER A 233 10.29 -13.46 -25.87
N LEU A 234 11.28 -14.27 -26.25
CA LEU A 234 12.43 -14.49 -25.37
C LEU A 234 13.16 -13.21 -25.00
N ASP A 235 13.07 -12.30 -25.94
CA ASP A 235 13.72 -11.01 -25.71
C ASP A 235 13.04 -10.21 -24.62
N SER A 236 11.69 -10.23 -24.60
CA SER A 236 10.90 -9.57 -23.55
C SER A 236 10.99 -10.37 -22.27
N ILE A 237 10.93 -11.68 -22.32
CA ILE A 237 11.16 -12.51 -21.12
C ILE A 237 12.53 -12.19 -20.53
N ASN A 238 13.57 -11.98 -21.30
CA ASN A 238 14.84 -11.53 -20.79
C ASN A 238 14.76 -10.05 -20.36
N ALA A 239 14.16 -9.02 -20.97
CA ALA A 239 14.19 -7.65 -20.43
C ALA A 239 13.44 -7.58 -19.14
N THR A 240 12.35 -8.34 -19.11
CA THR A 240 11.48 -8.35 -17.92
C THR A 240 12.24 -8.93 -16.77
N SER A 241 12.95 -10.03 -16.96
CA SER A 241 13.70 -10.68 -15.90
C SER A 241 14.87 -9.87 -15.45
N SER A 242 15.49 -9.14 -16.36
CA SER A 242 16.57 -8.26 -16.03
C SER A 242 16.09 -7.05 -15.24
N ALA A 243 14.91 -6.53 -15.57
CA ALA A 243 14.30 -5.40 -14.86
C ALA A 243 13.89 -5.81 -13.46
N ILE A 244 13.28 -6.97 -13.25
CA ILE A 244 12.98 -7.52 -11.93
C ILE A 244 14.28 -7.56 -11.10
N VAL A 245 15.39 -8.20 -11.44
CA VAL A 245 16.63 -8.24 -10.64
C VAL A 245 17.14 -6.89 -10.23
N LYS A 246 17.04 -5.87 -11.07
CA LYS A 246 17.49 -4.53 -10.67
C LYS A 246 16.55 -3.76 -9.75
N TYR A 247 15.29 -4.14 -9.68
CA TYR A 247 14.27 -3.69 -8.72
C TYR A 247 13.96 -4.76 -7.58
N VAL A 248 13.14 -5.84 -7.89
CA VAL A 248 12.59 -6.85 -6.85
C VAL A 248 13.43 -7.15 -5.68
N SER A 249 14.60 -7.37 -6.03
CA SER A 249 15.54 -7.65 -5.06
C SER A 249 16.29 -6.37 -4.88
N GLN A 250 17.25 -6.13 -5.72
CA GLN A 250 18.12 -4.97 -5.57
C GLN A 250 17.57 -3.85 -4.62
N ARG A 251 16.25 -3.55 -4.66
CA ARG A 251 15.60 -2.52 -3.74
C ARG A 251 14.18 -2.91 -3.29
N ALA A 252 13.22 -3.04 -4.24
CA ALA A 252 11.85 -3.48 -3.83
C ALA A 252 10.58 -3.31 -4.76
N GLY A 253 9.71 -4.34 -4.34
CA GLY A 253 8.21 -4.80 -4.59
C GLY A 253 7.65 -4.97 -6.05
N ILE A 254 7.37 -6.24 -6.56
CA ILE A 254 6.99 -6.39 -8.03
C ILE A 254 5.62 -6.94 -8.44
N GLY A 255 4.92 -6.30 -9.40
CA GLY A 255 3.72 -6.88 -9.96
C GLY A 255 4.06 -7.24 -11.38
N ILE A 256 3.95 -8.48 -11.84
CA ILE A 256 4.37 -8.93 -13.17
C ILE A 256 3.21 -9.38 -14.03
N ASN A 257 2.83 -8.83 -15.18
CA ASN A 257 1.83 -9.40 -16.06
C ASN A 257 2.54 -10.33 -17.00
N ALA A 258 2.24 -11.60 -17.01
CA ALA A 258 2.85 -12.57 -17.90
C ALA A 258 1.86 -13.51 -18.61
N GLY A 259 0.68 -13.05 -18.88
CA GLY A 259 -0.29 -13.87 -19.51
C GLY A 259 -0.27 -13.75 -21.00
N ARG A 260 0.60 -12.92 -21.56
CA ARG A 260 0.76 -12.89 -23.02
C ARG A 260 1.52 -14.11 -23.54
N ILE A 261 2.34 -14.74 -22.72
CA ILE A 261 3.15 -15.91 -23.07
C ILE A 261 2.28 -17.08 -23.57
N ARG A 262 2.67 -17.49 -24.74
CA ARG A 262 2.12 -18.62 -25.47
C ARG A 262 2.00 -19.87 -24.51
N ALA A 263 1.15 -20.93 -24.81
CA ALA A 263 0.85 -21.99 -23.72
C ALA A 263 1.23 -23.59 -23.80
N LEU A 264 2.06 -24.37 -24.72
CA LEU A 264 2.12 -25.80 -25.09
C LEU A 264 3.07 -26.54 -24.13
N GLY A 265 2.67 -27.80 -23.49
CA GLY A 265 3.72 -28.59 -22.80
C GLY A 265 3.42 -30.09 -22.77
N SER A 266 2.78 -30.42 -21.67
CA SER A 266 2.50 -31.79 -21.32
C SER A 266 1.06 -32.09 -20.73
N PRO A 267 -0.03 -32.52 -21.48
CA PRO A 267 -1.36 -32.98 -20.85
C PRO A 267 -1.71 -34.51 -20.36
N ILE A 268 -1.97 -35.41 -21.39
CA ILE A 268 -2.60 -36.84 -21.38
C ILE A 268 -1.76 -38.18 -21.05
N ARG A 269 -0.90 -38.23 -20.03
CA ARG A 269 -0.13 -39.50 -19.63
C ARG A 269 0.77 -40.03 -20.79
N GLY A 270 1.08 -39.22 -21.82
CA GLY A 270 1.90 -39.67 -22.95
C GLY A 270 1.59 -39.05 -24.33
N GLY A 271 1.28 -39.88 -25.34
CA GLY A 271 1.08 -39.45 -26.73
C GLY A 271 2.40 -39.16 -27.48
N GLU A 272 2.71 -37.86 -27.59
CA GLU A 272 4.04 -37.38 -28.04
C GLU A 272 4.35 -35.93 -27.61
N ALA A 273 5.63 -35.60 -27.54
CA ALA A 273 6.07 -34.32 -26.99
C ALA A 273 5.81 -32.99 -27.70
N PHE A 274 6.79 -31.68 -26.98
CA PHE A 274 6.64 -30.23 -27.25
C PHE A 274 7.51 -28.93 -26.58
N HIS A 275 7.41 -27.68 -27.41
CA HIS A 275 7.95 -26.15 -27.30
C HIS A 275 7.00 -25.27 -26.32
N THR A 276 7.63 -25.53 -25.23
CA THR A 276 7.55 -25.53 -23.76
C THR A 276 6.75 -24.65 -22.77
N GLY A 277 5.79 -23.87 -23.10
CA GLY A 277 4.88 -23.41 -22.01
C GLY A 277 5.00 -21.99 -21.53
N CYS A 278 4.79 -21.94 -20.24
CA CYS A 278 4.71 -20.72 -19.46
C CYS A 278 5.38 -20.89 -18.13
N ILE A 279 5.11 -22.02 -17.45
CA ILE A 279 5.78 -22.37 -16.24
C ILE A 279 7.29 -22.41 -16.26
N PRO A 280 8.17 -23.02 -17.11
CA PRO A 280 9.63 -22.82 -17.05
C PRO A 280 10.01 -21.35 -16.87
N PHE A 281 9.24 -20.51 -17.62
CA PHE A 281 9.38 -19.05 -17.56
C PHE A 281 8.84 -18.48 -16.25
N TYR A 282 7.70 -18.86 -15.65
CA TYR A 282 7.33 -18.33 -14.32
C TYR A 282 8.32 -18.73 -13.20
N LYS A 283 9.02 -19.89 -13.30
CA LYS A 283 10.04 -20.27 -12.32
C LYS A 283 11.23 -19.37 -12.41
N HIS A 284 11.48 -18.93 -13.63
CA HIS A 284 12.53 -17.96 -13.90
C HIS A 284 12.08 -16.59 -13.38
N PHE A 285 10.85 -16.11 -13.50
CA PHE A 285 10.53 -14.82 -12.95
C PHE A 285 10.74 -14.88 -11.41
N GLN A 286 10.49 -16.08 -10.87
CA GLN A 286 10.65 -16.29 -9.46
C GLN A 286 12.08 -16.27 -8.99
N THR A 287 13.00 -16.98 -9.65
CA THR A 287 14.37 -16.85 -9.21
C THR A 287 14.96 -15.46 -9.43
N ALA A 288 14.42 -14.61 -10.34
CA ALA A 288 14.79 -13.21 -10.45
C ALA A 288 14.24 -12.41 -9.25
N VAL A 289 13.02 -12.66 -8.71
CA VAL A 289 12.55 -11.90 -7.55
C VAL A 289 13.19 -12.29 -6.26
N LYS A 290 13.60 -13.55 -6.25
CA LYS A 290 14.36 -14.08 -5.11
C LYS A 290 15.88 -13.91 -5.18
N SER A 291 16.44 -13.23 -6.21
CA SER A 291 17.89 -13.16 -6.47
C SER A 291 18.71 -12.38 -5.45
N CYS A 292 18.15 -11.41 -4.82
CA CYS A 292 18.95 -10.63 -3.88
C CYS A 292 18.51 -10.86 -2.42
N SER A 293 18.02 -12.05 -2.05
CA SER A 293 17.73 -12.23 -0.60
C SER A 293 18.82 -13.07 0.10
N GLN A 294 18.60 -14.38 0.24
CA GLN A 294 19.59 -15.26 0.93
C GLN A 294 19.73 -16.58 0.17
N GLY A 295 18.65 -16.98 -0.39
CA GLY A 295 18.63 -18.17 -1.19
C GLY A 295 17.48 -18.01 -2.11
N GLY A 296 16.41 -17.79 -1.48
CA GLY A 296 15.23 -17.59 -2.18
C GLY A 296 14.12 -17.88 -1.37
N VAL A 297 14.20 -17.36 -0.29
CA VAL A 297 13.12 -17.42 0.53
C VAL A 297 12.91 -15.89 0.95
N ARG A 298 13.80 -15.24 1.81
CA ARG A 298 13.65 -13.78 2.40
C ARG A 298 13.41 -12.57 1.35
N GLY A 299 13.61 -11.25 1.74
CA GLY A 299 13.44 -10.04 0.79
C GLY A 299 12.21 -10.16 -0.21
N GLY A 300 12.52 -10.59 -1.45
CA GLY A 300 11.59 -10.98 -2.61
C GLY A 300 10.36 -10.12 -2.96
N ALA A 301 9.24 -10.83 -2.76
CA ALA A 301 7.87 -10.39 -3.10
C ALA A 301 7.47 -9.90 -4.47
N ALA A 302 6.70 -10.76 -5.13
CA ALA A 302 6.07 -10.42 -6.37
C ALA A 302 4.68 -11.12 -6.55
N THR A 303 3.78 -10.48 -7.32
CA THR A 303 2.46 -11.09 -7.74
C THR A 303 2.40 -11.10 -9.26
N LEU A 304 2.01 -12.22 -9.78
CA LEU A 304 1.98 -12.44 -11.21
C LEU A 304 0.53 -12.60 -11.69
N PHE A 305 0.12 -11.93 -12.79
CA PHE A 305 -1.25 -11.94 -13.33
C PHE A 305 -1.37 -12.73 -14.62
N TYR A 306 -2.47 -13.39 -14.94
CA TYR A 306 -2.74 -14.15 -16.16
C TYR A 306 -4.23 -14.24 -16.47
N PRO A 307 -4.71 -14.26 -17.71
CA PRO A 307 -6.13 -14.35 -18.02
C PRO A 307 -6.81 -15.57 -17.40
N MET A 308 -8.08 -15.48 -16.98
CA MET A 308 -8.74 -16.69 -16.53
C MET A 308 -8.88 -17.75 -17.66
N TRP A 309 -8.98 -17.30 -18.90
CA TRP A 309 -9.16 -18.17 -20.03
C TRP A 309 -7.90 -18.77 -20.63
N HIS A 310 -6.71 -18.53 -20.10
CA HIS A 310 -5.43 -18.96 -20.68
C HIS A 310 -5.35 -20.46 -20.76
N LEU A 311 -4.98 -21.06 -21.88
CA LEU A 311 -5.00 -22.52 -22.06
C LEU A 311 -4.51 -23.32 -20.89
N GLU A 312 -3.48 -22.75 -20.32
CA GLU A 312 -2.85 -23.35 -19.17
C GLU A 312 -3.47 -23.00 -17.82
N VAL A 313 -4.65 -22.41 -17.61
CA VAL A 313 -5.04 -21.95 -16.25
C VAL A 313 -5.15 -23.01 -15.18
N GLU A 314 -5.71 -24.17 -15.47
CA GLU A 314 -5.80 -25.23 -14.47
C GLU A 314 -4.51 -25.73 -13.88
N SER A 315 -3.34 -25.57 -14.48
CA SER A 315 -2.09 -25.88 -13.80
C SER A 315 -1.47 -24.60 -13.28
N LEU A 316 -1.72 -23.40 -13.86
CA LEU A 316 -1.27 -22.12 -13.29
C LEU A 316 -1.93 -21.86 -11.94
N LEU A 317 -3.20 -22.15 -11.78
CA LEU A 317 -4.00 -21.90 -10.57
C LEU A 317 -3.57 -22.71 -9.37
N VAL A 318 -3.03 -23.92 -9.62
CA VAL A 318 -2.50 -24.74 -8.52
C VAL A 318 -0.99 -24.58 -8.37
N LEU A 319 -0.30 -23.62 -9.02
CA LEU A 319 1.13 -23.41 -8.79
C LEU A 319 1.58 -23.17 -7.32
N LYS A 320 0.70 -22.79 -6.39
CA LYS A 320 1.09 -22.64 -4.99
C LYS A 320 0.74 -23.83 -4.09
N ASN A 321 0.24 -24.94 -4.64
CA ASN A 321 -0.24 -26.11 -3.91
C ASN A 321 0.74 -27.13 -3.35
N ASN A 322 0.50 -27.56 -2.10
CA ASN A 322 1.27 -28.55 -1.33
C ASN A 322 2.24 -29.57 -1.93
N ARG A 323 1.66 -30.32 -2.85
CA ARG A 323 2.29 -31.49 -3.42
C ARG A 323 1.52 -31.82 -4.66
N GLY A 324 2.53 -31.92 -5.49
CA GLY A 324 2.53 -32.27 -6.88
C GLY A 324 4.00 -32.26 -7.23
N VAL A 325 4.43 -32.05 -8.46
CA VAL A 325 5.85 -32.10 -8.73
C VAL A 325 6.52 -30.72 -8.64
N GLU A 326 7.72 -30.75 -8.06
CA GLU A 326 8.65 -29.64 -8.03
C GLU A 326 8.60 -28.86 -9.35
N GLY A 327 8.71 -29.56 -10.48
CA GLY A 327 8.56 -28.95 -11.82
C GLY A 327 7.22 -28.25 -12.16
N ASN A 328 6.10 -28.63 -11.53
CA ASN A 328 4.83 -27.99 -11.85
C ASN A 328 4.31 -27.07 -10.75
N ARG A 329 5.29 -26.48 -10.06
CA ARG A 329 4.97 -25.51 -9.03
C ARG A 329 5.93 -24.32 -8.87
N VAL A 330 5.40 -23.12 -8.70
CA VAL A 330 6.16 -21.89 -8.48
C VAL A 330 5.47 -21.29 -7.23
N ARG A 331 5.68 -21.84 -6.02
CA ARG A 331 5.02 -21.41 -4.77
C ARG A 331 5.35 -20.10 -4.08
N HIS A 332 6.48 -19.50 -4.39
CA HIS A 332 6.89 -18.30 -3.72
C HIS A 332 6.54 -17.04 -4.47
N MET A 333 5.63 -17.03 -5.42
CA MET A 333 5.12 -15.74 -5.88
C MET A 333 3.62 -15.72 -5.69
N ASP A 334 2.82 -14.67 -5.57
CA ASP A 334 1.34 -14.81 -5.47
C ASP A 334 0.73 -14.62 -6.82
N TYR A 335 -0.55 -14.92 -7.07
CA TYR A 335 -1.03 -14.88 -8.45
C TYR A 335 -2.32 -14.11 -8.53
N GLY A 336 -2.61 -13.34 -9.57
CA GLY A 336 -3.83 -12.59 -9.64
C GLY A 336 -4.53 -13.02 -10.92
N VAL A 337 -5.58 -13.79 -10.75
CA VAL A 337 -6.36 -14.28 -11.88
C VAL A 337 -7.26 -13.11 -12.38
N GLN A 338 -7.30 -12.92 -13.72
CA GLN A 338 -8.04 -11.79 -14.38
C GLN A 338 -9.30 -12.24 -15.09
N ILE A 339 -10.39 -11.59 -14.64
CA ILE A 339 -11.77 -11.92 -15.02
C ILE A 339 -12.60 -10.80 -15.61
N ASN A 340 -13.58 -11.03 -16.47
CA ASN A 340 -14.47 -9.96 -16.83
C ASN A 340 -15.93 -10.41 -16.73
N LYS A 341 -16.93 -9.62 -17.19
CA LYS A 341 -18.32 -9.99 -17.06
C LYS A 341 -18.71 -11.30 -17.72
N LEU A 342 -18.18 -11.60 -18.92
CA LEU A 342 -18.56 -12.84 -19.61
C LEU A 342 -18.15 -14.07 -18.84
N MET A 343 -16.94 -14.09 -18.31
CA MET A 343 -16.51 -15.26 -17.55
C MET A 343 -17.51 -15.51 -16.41
N TYR A 344 -18.05 -14.48 -15.76
CA TYR A 344 -19.04 -14.59 -14.66
C TYR A 344 -20.39 -15.05 -15.14
N THR A 345 -20.86 -14.49 -16.23
CA THR A 345 -22.07 -14.91 -16.92
C THR A 345 -22.03 -16.39 -17.21
N ARG A 346 -20.96 -16.95 -17.80
CA ARG A 346 -20.83 -18.39 -18.03
C ARG A 346 -20.98 -19.17 -16.73
N LEU A 347 -20.37 -18.87 -15.56
CA LEU A 347 -20.67 -19.50 -14.24
C LEU A 347 -22.15 -19.41 -13.77
N LEU A 348 -22.75 -18.21 -13.80
CA LEU A 348 -24.13 -17.95 -13.38
C LEU A 348 -25.08 -18.83 -14.16
N LYS A 349 -25.07 -18.73 -15.48
CA LYS A 349 -25.92 -19.60 -16.28
C LYS A 349 -25.40 -21.03 -16.58
N GLY A 350 -24.63 -21.61 -15.65
CA GLY A 350 -24.09 -22.96 -15.74
C GLY A 350 -23.36 -23.42 -17.02
N GLU A 351 -22.74 -22.50 -17.76
CA GLU A 351 -22.07 -22.81 -19.02
C GLU A 351 -20.59 -23.19 -19.02
N ASP A 352 -20.02 -23.30 -20.23
CA ASP A 352 -18.63 -23.67 -20.40
C ASP A 352 -17.74 -22.51 -20.59
N ILE A 353 -16.53 -22.56 -20.04
CA ILE A 353 -15.56 -21.51 -20.30
C ILE A 353 -14.55 -22.10 -21.28
N THR A 354 -14.27 -21.38 -22.38
CA THR A 354 -13.34 -21.92 -23.34
C THR A 354 -11.99 -21.30 -23.15
N LEU A 355 -11.05 -22.23 -23.09
CA LEU A 355 -9.64 -21.94 -22.92
C LEU A 355 -8.82 -21.76 -24.22
N PHE A 356 -8.21 -20.59 -24.42
CA PHE A 356 -7.35 -20.26 -25.58
C PHE A 356 -5.94 -19.87 -25.22
N SER A 357 -4.96 -20.09 -26.07
CA SER A 357 -3.60 -19.62 -25.83
C SER A 357 -3.47 -18.18 -26.34
N PRO A 358 -3.05 -17.10 -25.69
CA PRO A 358 -3.08 -15.76 -26.27
C PRO A 358 -2.41 -15.49 -27.65
N SER A 359 -1.13 -15.81 -27.97
CA SER A 359 -0.55 -15.27 -29.29
C SER A 359 -1.12 -15.91 -30.59
N ASP A 360 -1.98 -16.81 -30.30
CA ASP A 360 -2.80 -17.65 -31.16
C ASP A 360 -4.17 -16.93 -31.61
N VAL A 361 -5.02 -16.44 -30.65
CA VAL A 361 -6.44 -15.91 -30.97
C VAL A 361 -6.53 -14.44 -31.39
N PRO A 362 -6.29 -13.98 -32.62
CA PRO A 362 -5.70 -12.70 -32.89
C PRO A 362 -6.07 -11.44 -32.12
N GLY A 363 -7.30 -10.99 -31.90
CA GLY A 363 -7.42 -9.70 -31.16
C GLY A 363 -7.97 -9.77 -29.74
N LEU A 364 -8.21 -10.96 -29.20
CA LEU A 364 -8.79 -11.20 -27.88
C LEU A 364 -8.04 -10.67 -26.66
N TYR A 365 -6.74 -10.86 -26.46
CA TYR A 365 -6.08 -10.35 -25.28
C TYR A 365 -6.28 -8.85 -25.17
N ASP A 366 -6.11 -8.02 -26.20
CA ASP A 366 -6.30 -6.57 -26.07
C ASP A 366 -7.72 -6.22 -25.71
N ALA A 367 -8.65 -6.91 -26.36
CA ALA A 367 -10.10 -6.86 -26.13
C ALA A 367 -10.63 -7.12 -24.71
N PHE A 368 -10.00 -8.07 -24.04
CA PHE A 368 -10.29 -8.45 -22.66
C PHE A 368 -10.14 -7.25 -21.75
N PHE A 369 -9.14 -6.43 -21.96
CA PHE A 369 -8.95 -5.26 -21.16
C PHE A 369 -9.67 -4.09 -21.76
N ALA A 370 -9.54 -3.82 -23.05
CA ALA A 370 -10.06 -2.58 -23.60
C ALA A 370 -11.44 -2.50 -24.19
N ASP A 371 -12.17 -3.57 -24.40
CA ASP A 371 -13.44 -3.39 -25.06
C ASP A 371 -14.20 -4.67 -24.91
N GLN A 372 -15.18 -4.65 -24.08
CA GLN A 372 -15.84 -5.90 -23.79
C GLN A 372 -16.81 -6.44 -24.82
N GLU A 373 -17.31 -5.60 -25.70
CA GLU A 373 -18.16 -6.10 -26.76
C GLU A 373 -17.36 -6.74 -27.84
N GLU A 374 -16.20 -6.15 -28.12
CA GLU A 374 -15.19 -6.79 -28.93
C GLU A 374 -14.73 -8.09 -28.25
N PHE A 375 -14.41 -8.17 -26.96
CA PHE A 375 -14.16 -9.41 -26.25
C PHE A 375 -15.31 -10.42 -26.41
N GLU A 376 -16.58 -10.08 -26.30
CA GLU A 376 -17.64 -11.05 -26.60
C GLU A 376 -17.70 -11.57 -28.06
N ARG A 377 -17.64 -10.61 -29.01
CA ARG A 377 -17.57 -10.86 -30.45
C ARG A 377 -16.38 -11.72 -30.71
N LEU A 378 -15.11 -11.38 -30.59
CA LEU A 378 -14.03 -12.33 -30.88
C LEU A 378 -14.19 -13.57 -29.99
N TYR A 379 -14.70 -13.58 -28.77
CA TYR A 379 -14.65 -14.81 -27.97
C TYR A 379 -15.60 -15.89 -28.45
N THR A 380 -16.76 -15.50 -28.91
CA THR A 380 -17.73 -16.52 -29.33
C THR A 380 -17.39 -16.99 -30.73
N LYS A 381 -16.92 -16.07 -31.56
CA LYS A 381 -16.34 -16.39 -32.87
C LYS A 381 -15.24 -17.42 -32.71
N TYR A 382 -14.17 -17.15 -31.96
CA TYR A 382 -13.10 -18.12 -31.76
C TYR A 382 -13.51 -19.39 -30.99
N GLU A 383 -14.43 -19.43 -30.03
CA GLU A 383 -14.90 -20.70 -29.48
C GLU A 383 -15.51 -21.60 -30.54
N LYS A 384 -15.91 -21.00 -31.66
CA LYS A 384 -16.45 -21.77 -32.78
C LYS A 384 -15.42 -22.25 -33.81
N ASP A 385 -14.58 -21.31 -34.30
CA ASP A 385 -13.55 -21.51 -35.32
C ASP A 385 -12.68 -22.73 -35.18
N ASP A 386 -13.25 -23.87 -35.54
CA ASP A 386 -12.66 -25.22 -35.63
C ASP A 386 -11.13 -25.38 -35.87
N SER A 387 -10.52 -24.44 -36.57
CA SER A 387 -9.09 -24.53 -36.76
C SER A 387 -8.29 -24.08 -35.56
N ILE A 388 -8.50 -23.60 -34.58
CA ILE A 388 -7.76 -22.98 -33.45
C ILE A 388 -7.54 -24.02 -32.36
N ARG A 389 -6.52 -24.14 -31.68
CA ARG A 389 -6.28 -24.91 -30.45
C ARG A 389 -7.02 -24.24 -29.31
N LYS A 390 -8.00 -24.96 -28.73
CA LYS A 390 -8.78 -24.53 -27.58
C LYS A 390 -9.05 -25.70 -26.64
N GLN A 391 -9.57 -25.52 -25.44
CA GLN A 391 -9.92 -26.59 -24.49
C GLN A 391 -11.21 -26.23 -23.75
N ARG A 392 -12.18 -27.07 -23.38
CA ARG A 392 -13.36 -26.57 -22.66
C ARG A 392 -13.46 -26.97 -21.21
N VAL A 393 -13.74 -26.05 -20.32
CA VAL A 393 -13.79 -26.37 -18.91
C VAL A 393 -15.09 -25.84 -18.41
N LYS A 394 -15.74 -26.52 -17.50
CA LYS A 394 -16.98 -25.97 -16.90
C LYS A 394 -16.79 -24.75 -15.96
N ALA A 395 -17.44 -23.61 -16.21
CA ALA A 395 -17.27 -22.41 -15.40
C ALA A 395 -17.33 -22.65 -13.90
N VAL A 396 -18.23 -23.56 -13.47
CA VAL A 396 -18.39 -24.00 -12.06
C VAL A 396 -17.14 -24.66 -11.55
N GLU A 397 -16.52 -25.45 -12.41
CA GLU A 397 -15.31 -26.18 -12.08
C GLU A 397 -14.06 -25.34 -12.07
N LEU A 398 -13.92 -24.43 -13.04
CA LEU A 398 -12.81 -23.49 -13.06
C LEU A 398 -12.90 -22.48 -11.93
N PHE A 399 -14.06 -21.89 -11.62
CA PHE A 399 -14.18 -21.03 -10.47
C PHE A 399 -14.09 -21.68 -9.13
N SER A 400 -14.63 -22.88 -8.86
CA SER A 400 -14.32 -23.47 -7.57
C SER A 400 -12.89 -23.90 -7.42
N LEU A 401 -12.15 -24.25 -8.47
CA LEU A 401 -10.68 -24.57 -8.32
C LEU A 401 -9.88 -23.32 -7.98
N MET A 402 -10.22 -22.17 -8.54
CA MET A 402 -9.62 -20.87 -8.18
C MET A 402 -9.93 -20.53 -6.77
N MET A 403 -11.18 -20.66 -6.32
CA MET A 403 -11.49 -20.34 -4.92
C MET A 403 -11.06 -21.35 -3.87
N GLN A 404 -10.88 -22.62 -4.22
CA GLN A 404 -10.28 -23.62 -3.29
C GLN A 404 -8.91 -23.13 -2.96
N GLU A 405 -8.15 -22.74 -4.01
CA GLU A 405 -6.76 -22.24 -3.91
C GLU A 405 -6.66 -20.88 -3.33
N ARG A 406 -7.49 -19.93 -3.70
CA ARG A 406 -7.59 -18.69 -2.96
C ARG A 406 -7.88 -19.06 -1.50
N ALA A 407 -8.88 -19.86 -1.16
CA ALA A 407 -9.13 -20.11 0.26
C ALA A 407 -8.00 -20.84 0.99
N SER A 408 -7.37 -21.92 0.49
CA SER A 408 -6.20 -22.57 1.09
C SER A 408 -4.97 -21.72 1.32
N THR A 409 -4.67 -20.89 0.34
CA THR A 409 -3.47 -20.07 0.53
C THR A 409 -3.83 -18.67 0.94
N GLY A 410 -5.06 -18.16 0.74
CA GLY A 410 -5.37 -16.74 0.87
C GLY A 410 -4.67 -15.84 -0.13
N ARG A 411 -3.83 -16.42 -1.02
CA ARG A 411 -2.94 -15.72 -1.93
C ARG A 411 -3.04 -15.87 -3.43
N ILE A 412 -4.24 -16.21 -3.89
CA ILE A 412 -4.70 -16.16 -5.27
C ILE A 412 -5.77 -15.09 -5.22
N TYR A 413 -5.48 -14.04 -5.98
CA TYR A 413 -6.24 -12.80 -6.01
C TYR A 413 -7.02 -12.64 -7.31
N ILE A 414 -7.87 -11.65 -7.27
CA ILE A 414 -8.83 -11.45 -8.33
C ILE A 414 -8.66 -10.05 -8.90
N GLN A 415 -8.66 -9.91 -10.20
CA GLN A 415 -8.66 -8.58 -10.76
C GLN A 415 -9.75 -8.52 -11.81
N ASN A 416 -10.74 -7.66 -11.64
CA ASN A 416 -11.77 -7.50 -12.64
C ASN A 416 -11.30 -6.51 -13.68
N VAL A 417 -10.81 -6.96 -14.82
CA VAL A 417 -10.26 -6.10 -15.89
C VAL A 417 -11.22 -5.15 -16.61
N ASP A 418 -12.45 -5.55 -16.87
CA ASP A 418 -13.52 -4.66 -17.34
C ASP A 418 -13.80 -3.47 -16.43
N HIS A 419 -13.81 -3.65 -15.11
CA HIS A 419 -13.97 -2.59 -14.12
C HIS A 419 -12.77 -1.69 -14.03
N CYS A 420 -11.58 -2.27 -14.06
CA CYS A 420 -10.37 -1.43 -14.09
C CYS A 420 -10.28 -0.56 -15.30
N ASN A 421 -10.96 -0.89 -16.41
CA ASN A 421 -10.96 -0.07 -17.62
C ASN A 421 -12.22 0.73 -17.97
N THR A 422 -13.43 0.32 -17.59
CA THR A 422 -14.59 1.17 -17.84
C THR A 422 -14.76 2.22 -16.75
N HIS A 423 -14.12 2.07 -15.60
CA HIS A 423 -14.13 3.09 -14.59
C HIS A 423 -12.67 3.34 -14.24
N SER A 424 -12.02 4.15 -15.06
CA SER A 424 -10.59 4.41 -14.93
C SER A 424 -10.16 5.86 -15.18
N PRO A 425 -9.06 6.53 -14.73
CA PRO A 425 -8.62 7.80 -15.27
C PRO A 425 -8.06 7.63 -16.66
N PHE A 426 -8.04 6.42 -17.21
CA PHE A 426 -7.37 6.13 -18.47
C PHE A 426 -8.26 5.61 -19.55
N ASP A 427 -7.99 6.12 -20.73
CA ASP A 427 -8.68 5.69 -21.90
C ASP A 427 -8.16 4.34 -22.42
N PRO A 428 -8.89 3.24 -22.44
CA PRO A 428 -8.41 1.89 -22.69
C PRO A 428 -7.91 1.56 -24.07
N ALA A 429 -8.17 2.52 -24.96
CA ALA A 429 -7.80 2.40 -26.38
C ALA A 429 -6.42 2.96 -26.69
N ILE A 430 -5.99 3.91 -25.88
CA ILE A 430 -4.69 4.54 -25.92
C ILE A 430 -3.91 3.82 -24.81
N ALA A 431 -4.31 3.77 -23.56
CA ALA A 431 -3.56 3.18 -22.48
C ALA A 431 -4.36 2.30 -21.54
N PRO A 432 -4.74 1.06 -21.87
CA PRO A 432 -5.52 0.20 -21.00
C PRO A 432 -4.79 -0.15 -19.73
N VAL A 433 -5.44 -0.55 -18.66
CA VAL A 433 -4.80 -1.00 -17.46
C VAL A 433 -4.85 -2.49 -17.62
N ARG A 434 -3.72 -3.19 -17.71
CA ARG A 434 -3.75 -4.61 -17.89
C ARG A 434 -3.35 -5.42 -16.70
N GLN A 435 -3.01 -4.78 -15.63
CA GLN A 435 -2.54 -5.50 -14.46
C GLN A 435 -2.59 -4.69 -13.15
N SER A 436 -2.16 -5.32 -12.04
CA SER A 436 -2.01 -4.57 -10.80
C SER A 436 -0.63 -4.74 -10.18
N ASN A 437 -0.39 -4.37 -8.91
CA ASN A 437 0.93 -4.49 -8.31
C ASN A 437 0.98 -5.56 -7.25
N LEU A 438 1.90 -5.54 -6.31
CA LEU A 438 1.91 -6.58 -5.32
C LEU A 438 0.66 -6.65 -4.43
N CYS A 439 0.20 -5.59 -3.82
CA CYS A 439 -0.94 -5.55 -2.92
C CYS A 439 -2.28 -5.15 -3.53
N LEU A 440 -2.41 -5.32 -4.82
CA LEU A 440 -3.58 -5.05 -5.62
C LEU A 440 -4.36 -3.75 -5.52
N GLU A 441 -3.70 -2.64 -5.26
CA GLU A 441 -4.29 -1.29 -5.23
C GLU A 441 -3.89 -0.38 -6.35
N ILE A 442 -2.86 -0.70 -7.12
CA ILE A 442 -2.31 0.20 -8.14
C ILE A 442 -2.88 -0.18 -9.51
N ALA A 443 -3.35 0.71 -10.38
CA ALA A 443 -3.90 0.23 -11.64
C ALA A 443 -3.49 1.24 -12.68
N LEU A 444 -2.33 1.03 -13.36
CA LEU A 444 -1.69 1.97 -14.26
C LEU A 444 -1.28 1.32 -15.55
N PRO A 445 -1.10 1.98 -16.73
CA PRO A 445 -0.61 1.39 -17.96
C PRO A 445 0.84 0.99 -17.91
N THR A 446 1.09 0.06 -18.81
CA THR A 446 2.36 -0.64 -19.01
C THR A 446 2.54 -1.05 -20.47
N LYS A 447 3.77 -1.24 -20.92
CA LYS A 447 4.04 -1.78 -22.27
C LYS A 447 5.23 -2.70 -22.12
N PRO A 448 5.25 -3.86 -22.77
CA PRO A 448 6.31 -4.82 -22.71
C PRO A 448 7.63 -4.24 -23.21
N LEU A 449 8.73 -4.70 -22.70
CA LEU A 449 10.04 -4.21 -22.98
C LEU A 449 10.67 -5.23 -23.86
N ASN A 450 11.47 -4.85 -24.86
CA ASN A 450 12.18 -5.75 -25.75
C ASN A 450 13.63 -5.98 -25.43
N ASP A 451 14.07 -5.13 -24.51
CA ASP A 451 15.42 -5.08 -23.97
C ASP A 451 15.44 -4.32 -22.62
N VAL A 452 16.21 -4.59 -21.55
CA VAL A 452 16.25 -3.77 -20.32
C VAL A 452 16.31 -2.29 -20.57
N ASN A 453 16.90 -1.89 -21.67
CA ASN A 453 17.01 -0.46 -21.93
C ASN A 453 16.14 0.12 -23.06
N ASP A 454 15.16 -0.66 -23.52
CA ASP A 454 14.16 -0.19 -24.46
C ASP A 454 13.43 1.02 -23.99
N GLU A 455 13.64 2.12 -24.69
CA GLU A 455 13.01 3.34 -24.28
C GLU A 455 11.56 3.44 -24.81
N ASN A 456 10.98 2.35 -25.36
CA ASN A 456 9.54 2.37 -25.84
C ASN A 456 8.65 1.47 -25.00
N GLY A 457 9.26 0.97 -23.96
CA GLY A 457 8.55 0.17 -23.02
C GLY A 457 8.03 1.09 -21.92
N GLU A 458 7.02 0.72 -21.17
CA GLU A 458 6.58 1.57 -20.07
C GLU A 458 6.36 0.69 -18.85
N ILE A 459 6.97 1.07 -17.76
CA ILE A 459 6.93 0.36 -16.50
C ILE A 459 6.27 1.38 -15.60
N ALA A 460 5.25 1.04 -14.85
CA ALA A 460 4.55 1.96 -14.00
C ALA A 460 5.05 1.92 -12.57
N LEU A 461 5.21 3.02 -11.84
CA LEU A 461 5.73 3.01 -10.46
C LEU A 461 4.75 3.42 -9.33
N CYS A 462 4.65 2.72 -8.21
CA CYS A 462 3.93 3.22 -7.02
C CYS A 462 4.43 4.49 -6.29
N THR A 463 4.03 5.74 -6.61
CA THR A 463 4.39 6.85 -5.70
C THR A 463 3.26 7.00 -4.72
N LEU A 464 3.44 6.61 -3.46
CA LEU A 464 2.35 6.48 -2.51
C LEU A 464 2.44 7.40 -1.31
N SER A 465 1.31 7.64 -0.66
CA SER A 465 1.26 8.37 0.58
C SER A 465 -0.09 8.23 1.16
N ALA A 466 -0.41 8.70 2.34
CA ALA A 466 -1.75 8.57 2.87
C ALA A 466 -2.29 9.65 3.78
N PHE A 467 -3.56 9.95 3.84
CA PHE A 467 -4.19 10.83 4.80
C PHE A 467 -4.56 10.19 6.10
N ASN A 468 -4.32 10.76 7.23
CA ASN A 468 -4.79 10.14 8.45
C ASN A 468 -6.14 10.65 8.91
N LEU A 469 -7.18 9.88 8.61
CA LEU A 469 -8.52 10.30 8.92
C LEU A 469 -8.87 10.44 10.37
N GLY A 470 -8.03 10.04 11.29
CA GLY A 470 -8.39 10.21 12.66
C GLY A 470 -7.73 11.47 13.17
N ALA A 471 -6.82 12.12 12.42
CA ALA A 471 -6.16 13.34 12.93
C ALA A 471 -6.72 14.62 12.33
N ILE A 472 -7.78 14.51 11.54
CA ILE A 472 -8.47 15.67 10.97
C ILE A 472 -9.78 15.89 11.71
N ASN A 473 -10.02 17.13 12.10
CA ASN A 473 -11.28 17.42 12.74
C ASN A 473 -12.33 17.70 11.72
N ASN A 474 -12.13 18.34 10.58
CA ASN A 474 -13.25 18.49 9.64
C ASN A 474 -12.84 17.97 8.25
N LEU A 475 -13.71 17.58 7.31
CA LEU A 475 -13.32 17.20 5.96
C LEU A 475 -12.77 18.27 5.06
N ASP A 476 -12.91 19.53 5.41
CA ASP A 476 -12.34 20.60 4.57
C ASP A 476 -10.91 20.84 4.95
N GLU A 477 -10.44 20.19 6.01
CA GLU A 477 -9.06 20.30 6.38
C GLU A 477 -8.20 19.67 5.28
N LEU A 478 -8.81 18.75 4.55
CA LEU A 478 -8.18 18.15 3.39
C LEU A 478 -7.91 19.11 2.22
N ASP A 479 -8.47 20.33 2.04
CA ASP A 479 -8.13 21.29 0.94
C ASP A 479 -6.62 21.47 0.94
N GLU A 480 -6.08 21.73 2.13
CA GLU A 480 -4.67 22.00 2.43
C GLU A 480 -3.83 20.75 2.53
N LEU A 481 -4.25 19.73 3.25
CA LEU A 481 -3.55 18.46 3.23
C LEU A 481 -3.47 17.86 1.82
N ALA A 482 -4.43 18.02 0.93
CA ALA A 482 -4.29 17.59 -0.46
C ALA A 482 -3.27 18.37 -1.27
N ILE A 483 -3.15 19.65 -0.96
CA ILE A 483 -2.24 20.55 -1.64
C ILE A 483 -0.84 20.11 -1.30
N LEU A 484 -0.61 19.98 -0.02
CA LEU A 484 0.64 19.47 0.47
C LEU A 484 0.99 18.03 0.01
N ALA A 485 0.14 17.03 0.10
CA ALA A 485 0.52 15.69 -0.35
C ALA A 485 0.79 15.69 -1.84
N VAL A 486 -0.05 16.33 -2.70
CA VAL A 486 0.19 16.35 -4.15
C VAL A 486 1.48 17.10 -4.53
N ARG A 487 1.80 18.15 -3.82
CA ARG A 487 3.00 18.86 -4.17
C ARG A 487 4.26 18.17 -3.75
N ALA A 488 4.29 17.48 -2.60
CA ALA A 488 5.50 16.79 -2.12
C ALA A 488 5.81 15.61 -2.96
N LEU A 489 4.77 14.83 -3.17
CA LEU A 489 4.82 13.69 -4.07
C LEU A 489 5.07 14.05 -5.53
N ASP A 490 4.45 15.05 -6.15
CA ASP A 490 4.84 15.46 -7.51
C ASP A 490 6.33 15.92 -7.57
N ALA A 491 6.84 16.66 -6.59
CA ALA A 491 8.26 17.07 -6.54
C ALA A 491 9.16 15.84 -6.41
N LEU A 492 8.89 14.88 -5.51
CA LEU A 492 9.65 13.67 -5.43
C LEU A 492 9.74 13.00 -6.75
N LEU A 493 8.74 12.91 -7.60
CA LEU A 493 8.95 12.29 -8.89
C LEU A 493 10.14 12.83 -9.67
N ASP A 494 10.54 14.08 -9.52
CA ASP A 494 11.70 14.63 -10.24
C ASP A 494 13.02 14.49 -9.46
N TYR A 495 12.91 14.28 -8.15
CA TYR A 495 14.05 14.17 -7.24
C TYR A 495 14.68 12.81 -7.36
N GLN A 496 13.88 11.79 -7.69
CA GLN A 496 14.39 10.45 -7.55
C GLN A 496 15.07 9.82 -8.79
N ASP A 497 15.83 8.72 -8.65
CA ASP A 497 16.38 8.00 -9.79
C ASP A 497 15.58 6.90 -10.47
N TYR A 498 15.74 6.69 -11.78
CA TYR A 498 15.04 5.63 -12.45
C TYR A 498 16.06 4.69 -13.03
N PRO A 499 16.21 3.43 -12.59
CA PRO A 499 17.24 2.54 -13.15
C PRO A 499 16.95 2.02 -14.56
N ILE A 500 15.66 1.75 -14.85
CA ILE A 500 15.23 1.26 -16.15
C ILE A 500 14.54 2.40 -16.93
N PRO A 501 15.01 2.76 -18.13
CA PRO A 501 14.45 3.91 -18.84
C PRO A 501 12.91 3.99 -18.81
N ALA A 502 12.19 2.93 -19.10
CA ALA A 502 10.68 2.94 -19.17
C ALA A 502 9.96 3.14 -17.85
N ALA A 503 10.68 2.99 -16.71
CA ALA A 503 10.14 3.33 -15.41
C ALA A 503 10.19 4.84 -15.46
N LYS A 504 11.30 5.52 -15.76
CA LYS A 504 11.30 6.96 -15.96
C LYS A 504 10.27 7.53 -16.91
N ARG A 505 9.97 6.90 -18.04
CA ARG A 505 8.96 7.26 -19.01
C ARG A 505 7.51 7.18 -18.50
N GLY A 506 7.18 6.13 -17.75
CA GLY A 506 5.85 6.07 -17.22
C GLY A 506 5.69 7.18 -16.21
N ALA A 507 6.66 7.39 -15.32
CA ALA A 507 6.59 8.39 -14.28
C ALA A 507 6.51 9.75 -14.84
N MET A 508 7.50 10.13 -15.65
CA MET A 508 7.54 11.47 -16.26
C MET A 508 6.40 11.68 -17.22
N GLY A 509 5.95 10.69 -17.97
CA GLY A 509 4.79 10.88 -18.82
C GLY A 509 3.45 11.04 -18.10
N ARG A 510 3.13 10.27 -17.06
CA ARG A 510 1.79 10.38 -16.48
C ARG A 510 1.83 10.88 -15.07
N ARG A 511 2.94 11.32 -14.52
CA ARG A 511 3.12 11.76 -13.13
C ARG A 511 2.10 11.26 -12.13
N THR A 512 1.92 9.94 -12.08
CA THR A 512 0.94 9.16 -11.26
C THR A 512 1.13 8.93 -9.78
N LEU A 513 0.25 9.39 -8.91
CA LEU A 513 0.39 9.30 -7.45
C LEU A 513 -0.51 8.30 -6.74
N GLY A 514 -0.42 7.87 -5.48
CA GLY A 514 -1.33 6.86 -4.92
C GLY A 514 -1.65 7.26 -3.51
N ILE A 515 -2.52 8.24 -3.28
CA ILE A 515 -2.81 8.69 -1.93
C ILE A 515 -4.07 8.05 -1.37
N GLY A 516 -3.80 7.33 -0.32
CA GLY A 516 -4.83 6.60 0.37
C GLY A 516 -5.14 7.15 1.72
N VAL A 517 -5.61 6.31 2.60
CA VAL A 517 -6.17 6.74 3.87
C VAL A 517 -5.65 5.81 4.98
N ILE A 518 -5.21 6.38 6.12
CA ILE A 518 -5.07 5.48 7.29
C ILE A 518 -6.23 5.85 8.25
N ASN A 519 -6.34 5.03 9.29
CA ASN A 519 -7.27 5.16 10.46
C ASN A 519 -8.77 5.12 10.14
N PHE A 520 -9.33 4.34 9.21
CA PHE A 520 -10.75 4.46 8.93
C PHE A 520 -11.60 3.79 9.97
N ALA A 521 -11.10 2.72 10.56
CA ALA A 521 -11.85 2.00 11.57
C ALA A 521 -12.05 2.92 12.76
N TYR A 522 -11.06 3.72 13.13
CA TYR A 522 -11.19 4.69 14.20
C TYR A 522 -12.05 5.88 13.78
N TYR A 523 -11.87 6.48 12.58
CA TYR A 523 -12.77 7.50 12.04
C TYR A 523 -14.21 6.99 12.12
N LEU A 524 -14.57 5.78 11.74
CA LEU A 524 -15.95 5.28 11.82
C LEU A 524 -16.37 5.06 13.26
N ALA A 525 -15.58 4.39 14.10
CA ALA A 525 -15.94 4.19 15.50
C ALA A 525 -16.16 5.51 16.19
N LYS A 526 -15.45 6.61 15.95
CA LYS A 526 -15.87 7.85 16.63
C LYS A 526 -17.01 8.55 15.98
N HIS A 527 -17.50 8.13 14.84
CA HIS A 527 -18.73 8.67 14.30
C HIS A 527 -19.87 7.71 14.55
N GLY A 528 -19.68 6.66 15.32
CA GLY A 528 -20.78 5.74 15.64
C GLY A 528 -21.20 4.77 14.56
N LYS A 529 -20.48 4.76 13.45
CA LYS A 529 -20.82 3.84 12.37
C LYS A 529 -20.12 2.52 12.56
N ARG A 530 -20.39 1.53 11.73
CA ARG A 530 -19.86 0.17 11.86
C ARG A 530 -19.40 -0.36 10.51
N TYR A 531 -18.59 -1.41 10.31
CA TYR A 531 -18.42 -2.01 8.97
C TYR A 531 -19.57 -2.86 8.47
N SER A 532 -20.19 -3.76 9.25
CA SER A 532 -21.19 -4.73 8.78
C SER A 532 -22.66 -4.41 8.58
N ASP A 533 -23.02 -3.33 9.17
CA ASP A 533 -24.32 -2.70 9.24
C ASP A 533 -25.05 -2.23 7.99
N GLY A 534 -24.24 -1.58 7.17
CA GLY A 534 -24.73 -0.64 6.20
C GLY A 534 -24.68 0.77 6.83
N SER A 535 -24.32 0.97 8.08
CA SER A 535 -24.40 2.29 8.72
C SER A 535 -23.40 3.34 8.35
N ALA A 536 -22.26 2.96 7.85
CA ALA A 536 -21.27 3.92 7.44
C ALA A 536 -21.41 4.24 5.96
N ASN A 537 -22.36 3.62 5.21
CA ASN A 537 -22.46 3.85 3.80
C ASN A 537 -22.53 5.30 3.39
N ASN A 538 -23.42 6.12 3.88
CA ASN A 538 -23.38 7.52 3.43
C ASN A 538 -22.25 8.36 4.08
N LEU A 539 -21.78 8.14 5.33
CA LEU A 539 -20.58 8.81 5.83
C LEU A 539 -19.38 8.50 4.95
N THR A 540 -19.30 7.30 4.34
CA THR A 540 -18.19 6.92 3.49
C THR A 540 -18.29 7.61 2.16
N HIS A 541 -19.47 7.67 1.57
CA HIS A 541 -19.68 8.44 0.37
C HIS A 541 -19.24 9.90 0.59
N LYS A 542 -19.52 10.64 1.67
CA LYS A 542 -18.99 11.99 1.77
C LYS A 542 -17.57 12.15 2.17
N THR A 543 -17.01 11.13 2.84
CA THR A 543 -15.58 11.14 3.10
C THR A 543 -14.81 10.98 1.81
N PHE A 544 -15.02 9.93 1.06
CA PHE A 544 -14.29 9.74 -0.18
C PHE A 544 -14.54 10.73 -1.34
N GLU A 545 -15.70 11.39 -1.34
CA GLU A 545 -15.94 12.45 -2.29
C GLU A 545 -15.06 13.64 -1.96
N ALA A 546 -14.92 14.04 -0.68
CA ALA A 546 -14.03 15.09 -0.24
C ALA A 546 -12.58 14.79 -0.53
N ILE A 547 -12.08 13.60 -0.32
CA ILE A 547 -10.70 13.28 -0.66
C ILE A 547 -10.45 13.37 -2.16
N GLN A 548 -11.33 12.89 -3.04
CA GLN A 548 -11.07 12.95 -4.47
C GLN A 548 -11.29 14.37 -4.96
N TYR A 549 -12.36 15.09 -4.57
CA TYR A 549 -12.53 16.49 -5.00
C TYR A 549 -11.32 17.32 -4.62
N TYR A 550 -10.89 17.44 -3.35
CA TYR A 550 -9.67 18.16 -2.94
C TYR A 550 -8.37 17.65 -3.53
N LEU A 551 -8.18 16.39 -3.90
CA LEU A 551 -6.96 15.90 -4.57
C LEU A 551 -7.00 16.32 -6.02
N LEU A 552 -8.15 16.17 -6.67
CA LEU A 552 -8.35 16.63 -8.06
C LEU A 552 -8.16 18.15 -8.15
N LYS A 553 -8.65 18.94 -7.18
CA LYS A 553 -8.48 20.39 -7.10
C LYS A 553 -7.01 20.66 -6.95
N ALA A 554 -6.29 20.08 -6.00
CA ALA A 554 -4.89 20.38 -5.87
C ALA A 554 -4.04 20.08 -7.06
N SER A 555 -4.41 19.01 -7.75
CA SER A 555 -3.62 18.61 -8.91
C SER A 555 -3.92 19.55 -10.07
N ASN A 556 -5.19 19.99 -10.17
CA ASN A 556 -5.59 20.99 -11.16
C ASN A 556 -4.82 22.30 -10.96
N GLU A 557 -4.77 22.83 -9.71
CA GLU A 557 -4.01 24.05 -9.45
C GLU A 557 -2.53 23.89 -9.74
N LEU A 558 -1.94 22.73 -9.47
CA LEU A 558 -0.54 22.45 -9.83
C LEU A 558 -0.41 22.50 -11.35
N ALA A 559 -1.38 21.97 -12.07
CA ALA A 559 -1.31 22.10 -13.51
C ALA A 559 -1.43 23.57 -14.00
N LYS A 560 -2.28 24.46 -13.48
CA LYS A 560 -2.28 25.87 -13.89
C LYS A 560 -0.90 26.45 -13.73
N GLU A 561 -0.25 26.07 -12.63
CA GLU A 561 1.09 26.48 -12.22
C GLU A 561 2.29 25.94 -12.96
N GLN A 562 2.36 24.63 -13.17
CA GLN A 562 3.54 24.05 -13.79
C GLN A 562 3.22 23.23 -15.04
N GLY A 563 1.98 23.14 -15.46
CA GLY A 563 1.74 22.37 -16.63
C GLY A 563 1.19 21.02 -16.27
N ALA A 564 0.19 20.70 -17.06
CA ALA A 564 -0.36 19.39 -17.05
C ALA A 564 0.67 18.29 -17.38
N CYS A 565 0.53 17.06 -16.96
CA CYS A 565 1.50 16.03 -17.23
C CYS A 565 1.49 15.74 -18.73
N PRO A 566 2.69 15.38 -19.23
CA PRO A 566 2.93 15.19 -20.64
C PRO A 566 1.89 14.39 -21.35
N TRP A 567 1.57 13.23 -20.83
CA TRP A 567 0.59 12.42 -21.52
C TRP A 567 -0.81 12.49 -20.92
N PHE A 568 -1.17 13.68 -20.40
CA PHE A 568 -2.52 13.93 -19.93
C PHE A 568 -3.57 13.63 -21.00
N ASN A 569 -3.24 13.72 -22.28
CA ASN A 569 -4.19 13.40 -23.33
C ASN A 569 -4.72 12.00 -23.31
N GLU A 570 -4.03 11.05 -22.68
CA GLU A 570 -4.52 9.68 -22.77
C GLU A 570 -5.47 9.39 -21.61
N THR A 571 -5.80 10.40 -20.78
CA THR A 571 -6.66 10.23 -19.63
C THR A 571 -8.07 10.61 -19.99
N THR A 572 -9.07 9.97 -19.37
CA THR A 572 -10.46 10.30 -19.59
C THR A 572 -10.76 11.67 -19.02
N TYR A 573 -9.98 12.15 -18.05
CA TYR A 573 -10.16 13.49 -17.47
C TYR A 573 -9.94 14.54 -18.55
N ALA A 574 -9.11 14.26 -19.55
CA ALA A 574 -8.88 15.15 -20.68
C ALA A 574 -10.16 15.37 -21.50
N LYS A 575 -10.99 14.35 -21.58
CA LYS A 575 -12.24 14.43 -22.28
C LYS A 575 -13.27 15.01 -21.35
N GLY A 576 -12.93 15.67 -20.25
CA GLY A 576 -13.94 16.13 -19.29
C GLY A 576 -14.72 15.03 -18.56
N ILE A 577 -14.28 13.77 -18.61
CA ILE A 577 -14.88 12.69 -17.85
C ILE A 577 -14.31 12.56 -16.44
N LEU A 578 -15.14 12.58 -15.39
CA LEU A 578 -14.81 12.47 -13.98
C LEU A 578 -15.16 11.13 -13.29
N PRO A 579 -14.71 10.70 -12.06
CA PRO A 579 -15.08 9.43 -11.46
C PRO A 579 -16.58 9.37 -11.26
N ILE A 580 -17.23 10.44 -10.83
CA ILE A 580 -18.70 10.40 -10.63
C ILE A 580 -19.55 10.09 -11.89
N ASP A 581 -18.98 10.09 -13.11
CA ASP A 581 -19.67 9.73 -14.34
C ASP A 581 -19.62 8.26 -14.75
N THR A 582 -18.59 7.53 -14.26
CA THR A 582 -18.40 6.18 -14.74
C THR A 582 -18.48 5.06 -13.72
N TYR A 583 -18.91 5.36 -12.52
CA TYR A 583 -18.93 4.35 -11.47
C TYR A 583 -19.99 3.31 -11.69
N LYS A 584 -19.98 2.13 -11.06
CA LYS A 584 -20.98 1.09 -11.33
C LYS A 584 -22.27 1.59 -10.76
N LYS A 585 -23.34 1.77 -11.52
CA LYS A 585 -24.53 2.41 -10.97
C LYS A 585 -25.31 1.62 -9.99
N ASP A 586 -24.98 0.35 -9.86
CA ASP A 586 -25.50 -0.45 -8.74
C ASP A 586 -25.26 0.21 -7.39
N LEU A 587 -24.23 1.05 -7.29
CA LEU A 587 -23.97 1.87 -6.10
C LEU A 587 -25.09 2.81 -5.61
N ASP A 588 -25.95 3.25 -6.52
CA ASP A 588 -27.08 4.11 -6.24
C ASP A 588 -28.11 3.48 -5.32
N THR A 589 -28.30 2.20 -5.48
CA THR A 589 -29.04 1.31 -4.61
C THR A 589 -28.67 1.25 -3.15
N ILE A 590 -27.40 1.52 -2.78
CA ILE A 590 -26.89 1.36 -1.41
C ILE A 590 -26.40 2.59 -0.70
N ALA A 591 -26.12 3.63 -1.46
CA ALA A 591 -25.69 4.88 -0.87
C ALA A 591 -26.48 6.06 -1.55
N ASN A 592 -27.22 6.83 -0.72
CA ASN A 592 -28.21 7.87 -1.17
C ASN A 592 -27.62 9.35 -1.19
N GLU A 593 -26.88 9.69 -0.17
CA GLU A 593 -26.15 10.99 0.06
C GLU A 593 -25.70 11.74 -1.17
N PRO A 594 -26.04 12.99 -1.26
CA PRO A 594 -25.68 13.83 -2.37
C PRO A 594 -24.20 14.17 -2.43
N LEU A 595 -23.80 14.73 -3.57
CA LEU A 595 -22.47 15.26 -3.74
C LEU A 595 -22.48 16.58 -3.09
N HIS A 596 -21.51 16.90 -2.26
CA HIS A 596 -21.51 18.16 -1.52
C HIS A 596 -20.56 19.19 -2.08
N TYR A 597 -19.86 18.85 -3.13
CA TYR A 597 -18.85 19.75 -3.65
C TYR A 597 -19.18 20.10 -5.08
N ASP A 598 -18.78 21.26 -5.59
CA ASP A 598 -19.16 21.52 -6.96
C ASP A 598 -18.30 20.80 -7.98
N TRP A 599 -18.79 19.71 -8.52
CA TRP A 599 -18.01 18.92 -9.46
C TRP A 599 -18.01 19.41 -10.89
N GLU A 600 -19.02 20.22 -11.33
CA GLU A 600 -18.94 20.75 -12.71
C GLU A 600 -18.06 22.00 -12.88
N ALA A 601 -17.86 22.88 -11.91
CA ALA A 601 -16.79 23.88 -12.06
C ALA A 601 -15.44 23.18 -12.21
N LEU A 602 -14.97 22.38 -11.24
CA LEU A 602 -13.83 21.46 -11.47
C LEU A 602 -13.89 20.73 -12.77
N ARG A 603 -14.94 20.03 -13.24
CA ARG A 603 -14.95 19.39 -14.56
C ARG A 603 -14.43 20.29 -15.66
N GLU A 604 -14.97 21.50 -15.76
CA GLU A 604 -14.52 22.54 -16.71
C GLU A 604 -13.10 22.98 -16.44
N SER A 605 -12.63 23.16 -15.20
CA SER A 605 -11.22 23.50 -15.01
C SER A 605 -10.20 22.41 -15.38
N ILE A 606 -10.55 21.14 -15.27
CA ILE A 606 -9.71 20.04 -15.73
C ILE A 606 -9.69 20.02 -17.25
N LYS A 607 -10.80 20.12 -17.94
CA LYS A 607 -10.80 20.26 -19.41
C LYS A 607 -9.93 21.38 -19.91
N THR A 608 -9.88 22.51 -19.19
CA THR A 608 -9.10 23.61 -19.80
C THR A 608 -7.73 23.66 -19.13
N HIS A 609 -7.55 23.60 -17.82
CA HIS A 609 -6.20 23.63 -17.27
C HIS A 609 -5.45 22.35 -17.07
N GLY A 610 -6.14 21.20 -17.22
CA GLY A 610 -5.51 19.87 -17.11
C GLY A 610 -5.19 19.42 -15.68
N LEU A 611 -4.58 18.25 -15.55
CA LEU A 611 -4.11 17.73 -14.28
C LEU A 611 -2.62 17.52 -14.31
N ARG A 612 -1.88 17.87 -13.27
CA ARG A 612 -0.47 17.57 -13.18
C ARG A 612 -0.21 16.07 -13.06
N ASN A 613 -1.23 15.28 -12.66
CA ASN A 613 -1.06 13.90 -12.32
C ASN A 613 -2.16 13.09 -12.93
N SER A 614 -1.94 12.07 -13.70
CA SER A 614 -3.00 11.26 -14.28
C SER A 614 -3.89 10.52 -13.32
N THR A 615 -3.21 10.20 -12.22
CA THR A 615 -3.71 9.39 -11.10
C THR A 615 -3.47 10.13 -9.78
N LEU A 616 -4.40 10.08 -8.84
CA LEU A 616 -4.24 10.69 -7.52
C LEU A 616 -4.48 9.81 -6.32
N SER A 617 -5.35 8.82 -6.32
CA SER A 617 -5.70 8.08 -5.13
C SER A 617 -5.71 6.61 -5.37
N ALA A 618 -5.32 5.83 -4.36
CA ALA A 618 -5.19 4.35 -4.36
C ALA A 618 -5.34 3.87 -2.92
N LEU A 619 -6.02 2.86 -2.39
CA LEU A 619 -6.04 2.65 -0.95
C LEU A 619 -5.18 1.46 -0.60
N MET A 620 -4.05 1.77 0.00
CA MET A 620 -3.04 0.73 0.09
C MET A 620 -3.10 0.00 1.40
N PRO A 621 -2.54 -1.19 1.65
CA PRO A 621 -2.40 -1.71 2.98
C PRO A 621 -1.46 -0.82 3.77
N SER A 622 -1.59 -0.49 5.04
CA SER A 622 -0.41 0.10 5.63
C SER A 622 -0.12 -0.63 6.90
N GLU A 623 1.08 -0.98 7.18
CA GLU A 623 1.35 -1.60 8.45
C GLU A 623 2.34 -0.78 9.24
N THR A 624 3.49 -0.41 8.72
CA THR A 624 4.48 0.42 9.42
C THR A 624 4.16 1.89 9.66
N SER A 625 3.81 2.61 8.59
CA SER A 625 3.29 4.00 8.68
C SER A 625 2.10 4.19 9.63
N SER A 626 1.17 3.26 9.53
CA SER A 626 0.05 3.19 10.46
C SER A 626 0.52 3.20 11.88
N GLN A 627 1.49 2.38 12.27
CA GLN A 627 1.83 2.37 13.66
C GLN A 627 2.69 3.48 14.20
N ILE A 628 3.43 4.18 13.37
CA ILE A 628 4.07 5.43 13.77
C ILE A 628 3.02 6.48 14.17
N SER A 629 1.80 6.56 13.61
CA SER A 629 0.78 7.53 14.05
C SER A 629 -0.15 6.97 15.10
N ASN A 630 0.12 5.74 15.53
CA ASN A 630 -0.76 4.90 16.34
C ASN A 630 -2.10 4.88 15.59
N ALA A 631 -2.22 4.40 14.37
CA ALA A 631 -3.52 4.41 13.73
C ALA A 631 -4.03 3.01 13.49
N THR A 632 -5.29 2.78 13.23
CA THR A 632 -5.73 1.47 12.76
C THR A 632 -5.25 1.41 11.29
N ASN A 633 -4.90 0.23 10.81
CA ASN A 633 -4.31 0.11 9.44
C ASN A 633 -5.32 0.42 8.31
N GLY A 634 -4.85 1.18 7.34
CA GLY A 634 -5.62 1.52 6.10
C GLY A 634 -7.15 1.58 6.28
N ILE A 635 -7.87 0.80 5.47
CA ILE A 635 -9.34 0.79 5.55
C ILE A 635 -9.78 -0.32 6.44
N GLU A 636 -8.90 -1.14 7.01
CA GLU A 636 -9.23 -2.38 7.74
C GLU A 636 -9.63 -2.32 9.19
N PRO A 637 -10.62 -3.15 9.59
CA PRO A 637 -11.05 -3.29 10.98
C PRO A 637 -9.94 -3.87 11.80
N PRO A 638 -9.68 -3.42 13.01
CA PRO A 638 -8.67 -4.06 13.83
C PRO A 638 -9.00 -5.51 14.16
N ARG A 639 -8.03 -6.41 14.11
CA ARG A 639 -8.25 -7.81 14.50
C ARG A 639 -8.49 -8.00 16.03
N GLY A 640 -7.97 -7.05 16.81
CA GLY A 640 -8.12 -6.97 18.23
C GLY A 640 -7.71 -5.59 18.74
N TYR A 641 -8.14 -5.30 19.95
CA TYR A 641 -7.86 -4.08 20.67
C TYR A 641 -6.42 -3.84 20.98
N VAL A 642 -5.69 -4.90 21.26
CA VAL A 642 -4.28 -4.81 21.56
C VAL A 642 -3.54 -5.66 20.55
N SER A 643 -2.50 -5.13 19.92
CA SER A 643 -1.74 -5.80 18.88
C SER A 643 -0.38 -6.25 19.28
N ILE A 644 0.00 -7.52 19.21
CA ILE A 644 1.31 -7.95 19.67
C ILE A 644 2.32 -8.10 18.54
N LYS A 645 3.59 -7.84 18.75
CA LYS A 645 4.60 -7.92 17.74
C LYS A 645 5.92 -8.34 18.39
N ALA A 646 6.67 -9.23 17.80
CA ALA A 646 7.98 -9.53 18.33
C ALA A 646 9.05 -8.53 17.85
N SER A 647 10.07 -8.49 18.70
CA SER A 647 11.24 -7.60 18.59
C SER A 647 12.43 -8.24 19.31
N LYS A 648 13.67 -7.75 19.26
CA LYS A 648 14.71 -8.40 20.05
C LYS A 648 15.05 -7.63 21.34
N ASP A 649 14.02 -6.88 21.70
CA ASP A 649 14.04 -6.11 22.90
C ASP A 649 12.69 -6.35 23.62
N GLY A 650 12.08 -7.52 23.41
CA GLY A 650 10.77 -7.85 24.01
C GLY A 650 9.58 -7.85 23.00
N ILE A 651 8.38 -8.10 23.54
CA ILE A 651 7.07 -8.14 22.79
C ILE A 651 6.57 -6.66 22.58
N LEU A 652 6.24 -6.16 21.36
CA LEU A 652 5.67 -4.72 21.25
C LEU A 652 4.18 -4.81 21.35
N ARG A 653 3.59 -4.02 22.23
CA ARG A 653 2.16 -3.93 22.19
C ARG A 653 1.72 -2.51 21.81
N GLN A 654 0.64 -2.45 21.08
CA GLN A 654 0.04 -1.22 20.70
C GLN A 654 -1.47 -1.40 20.84
N VAL A 655 -2.13 -0.53 21.57
CA VAL A 655 -3.56 -0.53 21.87
C VAL A 655 -4.35 0.30 20.86
N VAL A 656 -5.55 -0.04 20.40
CA VAL A 656 -6.21 0.81 19.41
C VAL A 656 -6.35 2.28 19.79
N PRO A 657 -6.33 3.33 18.94
CA PRO A 657 -6.55 4.69 19.34
C PRO A 657 -7.82 4.92 20.12
N ASP A 658 -7.77 5.62 21.24
CA ASP A 658 -8.87 5.97 22.14
C ASP A 658 -9.69 4.82 22.71
N TYR A 659 -9.11 3.66 22.99
CA TYR A 659 -9.81 2.52 23.56
C TYR A 659 -10.71 2.87 24.72
N GLU A 660 -10.22 3.71 25.65
CA GLU A 660 -10.95 4.08 26.86
C GLU A 660 -12.36 4.48 26.56
N HIS A 661 -12.54 5.47 25.66
CA HIS A 661 -13.91 5.87 25.34
C HIS A 661 -14.45 5.04 24.18
N LEU A 662 -13.72 4.49 23.23
CA LEU A 662 -14.33 3.86 22.07
C LEU A 662 -14.43 2.38 22.10
N HIS A 663 -14.08 1.66 23.15
CA HIS A 663 -14.16 0.21 23.05
C HIS A 663 -15.45 -0.45 22.59
N ASP A 664 -16.61 0.10 22.88
CA ASP A 664 -17.85 -0.46 22.32
C ASP A 664 -18.17 0.05 20.93
N ALA A 665 -17.57 1.16 20.49
CA ALA A 665 -17.77 1.66 19.14
C ALA A 665 -17.07 0.90 18.04
N TYR A 666 -15.93 0.37 18.35
CA TYR A 666 -15.13 -0.40 17.40
C TYR A 666 -15.81 -1.66 17.05
N GLU A 667 -15.74 -2.07 15.80
CA GLU A 667 -16.23 -3.38 15.37
C GLU A 667 -14.98 -4.16 14.93
N LEU A 668 -14.55 -5.27 15.54
CA LEU A 668 -13.31 -5.93 15.18
C LEU A 668 -13.42 -6.95 14.07
N LEU A 669 -12.32 -7.35 13.47
CA LEU A 669 -12.39 -8.19 12.29
C LEU A 669 -13.41 -9.30 12.42
N TRP A 670 -13.32 -10.10 13.49
CA TRP A 670 -14.14 -11.30 13.52
C TRP A 670 -15.48 -11.18 14.17
N GLU A 671 -15.85 -9.96 14.43
CA GLU A 671 -17.15 -9.63 14.99
C GLU A 671 -18.16 -9.41 13.84
N MET A 672 -17.64 -9.12 12.65
CA MET A 672 -18.44 -8.82 11.52
C MET A 672 -19.12 -10.09 11.19
N PRO A 673 -20.42 -10.24 10.95
CA PRO A 673 -21.04 -11.53 10.57
C PRO A 673 -20.87 -12.00 9.12
N GLY A 674 -20.12 -11.22 8.35
CA GLY A 674 -19.89 -11.53 6.97
C GLY A 674 -19.24 -10.36 6.24
N ASN A 675 -18.85 -10.62 4.97
CA ASN A 675 -18.22 -9.59 4.12
C ASN A 675 -19.10 -8.56 3.47
N ASP A 676 -20.43 -8.60 3.57
CA ASP A 676 -21.32 -7.75 2.73
C ASP A 676 -21.22 -6.27 2.93
N GLY A 677 -21.15 -5.93 4.19
CA GLY A 677 -21.02 -4.54 4.58
C GLY A 677 -19.66 -3.96 4.19
N TYR A 678 -18.60 -4.72 4.48
CA TYR A 678 -17.28 -4.25 4.16
C TYR A 678 -17.19 -4.09 2.67
N LEU A 679 -17.56 -5.08 1.85
CA LEU A 679 -17.55 -4.97 0.37
C LEU A 679 -18.39 -3.81 -0.23
N GLN A 680 -19.49 -3.41 0.43
CA GLN A 680 -20.29 -2.25 0.07
C GLN A 680 -19.54 -0.99 0.38
N LEU A 681 -18.85 -0.86 1.52
CA LEU A 681 -18.01 0.31 1.77
C LEU A 681 -16.90 0.31 0.74
N VAL A 682 -16.19 -0.80 0.44
CA VAL A 682 -15.18 -0.79 -0.66
C VAL A 682 -15.81 -0.34 -1.98
N GLY A 683 -16.97 -0.83 -2.45
CA GLY A 683 -17.68 -0.33 -3.63
C GLY A 683 -17.95 1.16 -3.53
N ILE A 684 -18.38 1.78 -2.41
CA ILE A 684 -18.56 3.23 -2.33
C ILE A 684 -17.25 3.99 -2.48
N MET A 685 -16.16 3.48 -1.91
CA MET A 685 -14.87 4.17 -1.94
C MET A 685 -14.39 4.14 -3.38
N GLN A 686 -14.56 3.03 -4.06
CA GLN A 686 -14.08 2.93 -5.44
C GLN A 686 -14.81 3.78 -6.49
N LYS A 687 -15.99 4.27 -6.19
CA LYS A 687 -16.66 5.24 -7.03
C LYS A 687 -15.79 6.47 -7.30
N PHE A 688 -14.99 6.79 -6.26
CA PHE A 688 -14.17 7.98 -6.26
C PHE A 688 -12.71 7.71 -6.45
N ILE A 689 -12.10 6.70 -5.87
CA ILE A 689 -10.71 6.32 -6.09
C ILE A 689 -10.32 6.05 -7.58
N ASP A 690 -9.19 6.67 -8.06
CA ASP A 690 -8.62 6.46 -9.37
C ASP A 690 -8.05 5.09 -9.65
N GLN A 691 -7.33 4.51 -8.69
CA GLN A 691 -6.74 3.25 -8.99
C GLN A 691 -7.58 2.19 -8.37
N SER A 692 -7.12 1.48 -7.34
CA SER A 692 -7.91 0.45 -6.72
C SER A 692 -7.72 0.40 -5.21
N ILE A 693 -8.26 -0.62 -4.53
CA ILE A 693 -8.25 -0.75 -3.08
C ILE A 693 -7.71 -2.10 -2.63
N SER A 694 -6.77 -2.25 -1.68
CA SER A 694 -6.42 -3.56 -1.16
C SER A 694 -7.52 -4.28 -0.36
N ALA A 695 -8.59 -4.70 -1.00
CA ALA A 695 -9.75 -5.29 -0.34
C ALA A 695 -9.57 -6.68 0.12
N ASN A 696 -9.91 -7.01 1.34
CA ASN A 696 -9.77 -8.35 1.83
C ASN A 696 -11.14 -9.01 1.97
N THR A 697 -11.15 -10.31 2.07
CA THR A 697 -12.36 -11.08 2.18
C THR A 697 -12.08 -11.92 3.42
N ASN A 698 -12.90 -11.97 4.46
CA ASN A 698 -12.57 -12.71 5.66
C ASN A 698 -13.56 -13.80 5.96
N TYR A 699 -13.20 -14.88 6.69
CA TYR A 699 -14.14 -15.97 6.97
C TYR A 699 -13.71 -16.69 8.20
N ASP A 700 -14.67 -16.79 9.11
CA ASP A 700 -14.53 -17.53 10.35
C ASP A 700 -15.16 -18.91 10.19
N PRO A 701 -14.49 -20.06 10.07
CA PRO A 701 -15.17 -21.37 9.91
C PRO A 701 -16.23 -21.71 11.01
N SER A 702 -16.06 -21.30 12.29
CA SER A 702 -17.07 -21.37 13.35
C SER A 702 -18.38 -20.64 13.13
N ARG A 703 -18.49 -19.88 12.07
CA ARG A 703 -19.74 -19.25 11.65
C ARG A 703 -20.52 -20.29 10.83
N PHE A 704 -19.85 -21.35 10.34
CA PHE A 704 -20.40 -22.32 9.41
C PHE A 704 -20.61 -23.75 9.88
N PRO A 705 -21.69 -24.49 9.54
CA PRO A 705 -21.93 -25.81 10.06
C PRO A 705 -20.83 -26.75 9.63
N SER A 706 -20.43 -27.55 10.61
CA SER A 706 -19.33 -28.50 10.45
C SER A 706 -17.97 -27.81 10.37
N GLY A 707 -17.88 -26.48 10.44
CA GLY A 707 -16.60 -25.76 10.41
C GLY A 707 -16.11 -25.54 8.99
N LYS A 708 -16.92 -25.83 7.97
CA LYS A 708 -16.48 -25.67 6.59
C LYS A 708 -17.02 -24.43 5.93
N VAL A 709 -16.19 -23.54 5.44
CA VAL A 709 -16.84 -22.43 4.71
C VAL A 709 -17.30 -22.92 3.33
N PRO A 710 -18.54 -22.72 2.94
CA PRO A 710 -19.05 -23.20 1.70
C PRO A 710 -18.66 -22.45 0.47
N MET A 711 -18.23 -23.21 -0.51
CA MET A 711 -18.01 -22.71 -1.85
C MET A 711 -19.12 -21.83 -2.37
N GLN A 712 -20.39 -22.02 -2.02
CA GLN A 712 -21.50 -21.16 -2.46
C GLN A 712 -21.32 -19.76 -1.83
N GLN A 713 -20.97 -19.67 -0.56
CA GLN A 713 -20.71 -18.42 0.13
C GLN A 713 -19.50 -17.81 -0.49
N LEU A 714 -18.41 -18.55 -0.67
CA LEU A 714 -17.22 -17.98 -1.30
C LEU A 714 -17.53 -17.37 -2.66
N LEU A 715 -18.35 -18.06 -3.46
CA LEU A 715 -18.82 -17.59 -4.79
C LEU A 715 -19.91 -16.53 -4.74
N LYS A 716 -20.73 -16.46 -3.72
CA LYS A 716 -21.64 -15.33 -3.58
C LYS A 716 -20.92 -14.04 -3.20
N ASP A 717 -19.84 -13.98 -2.39
CA ASP A 717 -19.09 -12.73 -2.17
C ASP A 717 -18.21 -12.19 -3.29
N LEU A 718 -17.78 -13.13 -4.15
CA LEU A 718 -17.01 -12.85 -5.37
C LEU A 718 -17.92 -12.07 -6.32
N LEU A 719 -19.18 -12.51 -6.53
CA LEU A 719 -20.25 -11.85 -7.29
C LEU A 719 -20.73 -10.61 -6.54
N THR A 720 -21.18 -10.50 -5.29
CA THR A 720 -21.38 -9.18 -4.66
C THR A 720 -20.28 -8.20 -4.94
N ALA A 721 -19.01 -8.48 -4.71
CA ALA A 721 -17.92 -7.60 -5.13
C ALA A 721 -18.03 -7.06 -6.56
N TYR A 722 -18.24 -7.93 -7.54
CA TYR A 722 -18.28 -7.51 -8.93
C TYR A 722 -19.44 -6.56 -9.12
N LYS A 723 -20.60 -6.99 -8.62
CA LYS A 723 -21.83 -6.20 -8.60
C LYS A 723 -21.66 -4.75 -8.12
N PHE A 724 -20.85 -4.47 -7.08
CA PHE A 724 -20.63 -3.09 -6.64
C PHE A 724 -19.40 -2.34 -7.19
N GLY A 725 -18.80 -3.02 -8.15
CA GLY A 725 -17.68 -2.45 -8.83
C GLY A 725 -16.33 -2.67 -8.14
N VAL A 726 -16.08 -3.52 -7.17
CA VAL A 726 -14.76 -3.81 -6.64
C VAL A 726 -13.84 -4.25 -7.81
N LYS A 727 -12.74 -3.52 -8.00
CA LYS A 727 -11.82 -3.80 -9.11
C LYS A 727 -10.83 -4.91 -8.87
N THR A 728 -10.30 -4.99 -7.67
CA THR A 728 -9.46 -6.11 -7.33
C THR A 728 -9.81 -6.68 -5.94
N LEU A 729 -9.40 -7.89 -5.64
CA LEU A 729 -9.59 -8.48 -4.33
C LEU A 729 -8.24 -9.08 -3.94
N TYR A 730 -7.84 -8.88 -2.74
CA TYR A 730 -6.54 -9.25 -2.27
C TYR A 730 -6.57 -10.31 -1.18
N TYR A 731 -6.03 -10.28 0.03
CA TYR A 731 -6.01 -11.50 0.82
C TYR A 731 -7.32 -12.12 1.16
N GLN A 732 -7.42 -13.41 1.35
CA GLN A 732 -8.60 -13.94 1.93
C GLN A 732 -8.08 -14.33 3.25
N ASN A 733 -8.60 -13.84 4.33
CA ASN A 733 -8.19 -14.31 5.64
C ASN A 733 -9.12 -15.40 6.12
N THR A 734 -8.67 -16.57 6.61
CA THR A 734 -9.57 -17.56 7.20
C THR A 734 -9.21 -17.54 8.64
N ARG A 735 -10.12 -17.53 9.59
CA ARG A 735 -9.78 -17.48 11.01
C ARG A 735 -9.21 -18.78 11.60
N ASP A 736 -8.08 -18.85 12.28
CA ASP A 736 -7.63 -20.10 12.89
C ASP A 736 -8.07 -20.45 14.31
N ASP A 737 -23.12 -24.55 -6.48
CA ASP A 737 -24.49 -24.94 -6.84
C ASP A 737 -25.30 -23.93 -7.71
N ILE A 738 -25.55 -24.23 -8.99
CA ILE A 738 -26.10 -23.24 -9.95
C ILE A 738 -27.54 -22.82 -9.63
N ASP A 739 -28.41 -23.76 -9.21
CA ASP A 739 -29.82 -23.52 -8.84
C ASP A 739 -30.23 -22.08 -8.48
N ASP A 740 -29.56 -21.59 -7.45
CA ASP A 740 -29.78 -20.25 -6.99
C ASP A 740 -28.83 -19.23 -7.60
N LEU A 741 -27.57 -19.52 -7.97
CA LEU A 741 -26.69 -18.49 -8.51
C LEU A 741 -27.24 -17.82 -9.76
N SER A 742 -27.93 -18.62 -10.56
CA SER A 742 -28.47 -18.11 -11.81
C SER A 742 -29.57 -17.06 -11.71
N ASN A 743 -29.96 -16.65 -10.50
CA ASN A 743 -30.91 -15.55 -10.39
C ASN A 743 -30.16 -14.20 -10.21
N PHE A 744 -28.91 -14.29 -9.73
CA PHE A 744 -28.11 -13.13 -9.33
C PHE A 744 -27.91 -12.09 -10.42
N GLN A 745 -28.22 -10.82 -10.20
CA GLN A 745 -27.98 -9.81 -11.24
C GLN A 745 -26.64 -9.06 -11.14
N LEU A 746 -25.64 -9.25 -12.02
CA LEU A 746 -24.34 -8.57 -11.90
C LEU A 746 -24.42 -7.07 -12.19
#